data_5GWW
#
_entry.id   5GWW
#
_cell.length_a   137.857
_cell.length_b   217.331
_cell.length_c   104.144
_cell.angle_alpha   90.00
_cell.angle_beta   90.00
_cell.angle_gamma   90.00
#
_symmetry.space_group_name_H-M   'C 2 2 2'
#
loop_
_entity.id
_entity.type
_entity.pdbx_description
1 polymer 'MoeN5,DNA-binding protein 7d'
2 non-polymer 'methyl (2R)-3-dimethoxyphosphoryloxy-2-[(2Z,6E)-3,7,11-trimethyldodeca-2,6,10-trienoxy]propanoate'
3 water water
#
_entity_poly.entity_id   1
_entity_poly.type   'polypeptide(L)'
_entity_poly.pdbx_seq_one_letter_code
;MAHHHHHHVDDDDKMLAAEAANRDHVTRCVAQTGGSPDLVAHTAALRLYLRVPHFLTEWTTDPDRRAAVSRALALDIVSM
KLLDDLMDDDTGLDRVELACVCLRLHLRALHELESLARDPKAVTDILEQDAVHLCGGQIRTKRSRATNLREWRAHASTYG
STFLGRYGALAAACGGEGQPADSVREFAEAFAMTITMADDLTDYDRNGERDGNLAHLMRTGAVAGQDVVDLLEELRGRAL
AAVAAPPGAPGLVPVVHLYTDDVLVRLLPRHLGEAGAGAMATVKFKYKGEEKEVDISKIKKVWRVGKMISFTYDEGGGKT
GRGAVSEKDAPKELLQMLEKQKK
;
_entity_poly.pdbx_strand_id   A,B,C,D
#
# COMPACT_ATOMS: atom_id res chain seq x y z
N VAL A 9 -24.88 18.64 9.85
CA VAL A 9 -23.56 18.20 9.28
C VAL A 9 -22.42 18.76 10.13
N ASP A 10 -21.85 17.93 10.99
CA ASP A 10 -20.75 18.36 11.85
C ASP A 10 -19.40 18.35 11.14
N ASP A 11 -18.36 18.71 11.88
CA ASP A 11 -17.01 18.77 11.36
C ASP A 11 -16.55 17.43 10.82
N ASP A 12 -16.92 16.36 11.50
CA ASP A 12 -16.51 15.04 11.04
C ASP A 12 -17.06 14.78 9.65
N ASP A 13 -18.28 15.26 9.42
CA ASP A 13 -18.90 15.09 8.13
C ASP A 13 -18.15 15.87 7.07
N LYS A 14 -17.65 17.05 7.44
CA LYS A 14 -16.89 17.85 6.50
C LYS A 14 -15.62 17.11 6.17
N MET A 15 -14.93 16.65 7.21
CA MET A 15 -13.66 15.95 7.11
C MET A 15 -13.79 14.68 6.23
N LEU A 16 -14.82 13.88 6.51
CA LEU A 16 -15.06 12.65 5.78
C LEU A 16 -15.32 12.95 4.32
N ALA A 17 -16.04 14.02 4.05
CA ALA A 17 -16.34 14.36 2.66
C ALA A 17 -15.07 14.90 1.97
N ALA A 18 -14.26 15.64 2.72
CA ALA A 18 -13.04 16.18 2.16
C ALA A 18 -12.07 15.03 1.79
N GLU A 19 -11.93 14.09 2.70
CA GLU A 19 -11.04 12.98 2.47
C GLU A 19 -11.47 12.16 1.25
N ALA A 20 -12.76 11.93 1.09
CA ALA A 20 -13.25 11.18 -0.06
C ALA A 20 -13.05 11.98 -1.33
N ALA A 21 -13.23 13.30 -1.23
CA ALA A 21 -13.06 14.19 -2.39
C ALA A 21 -11.59 14.18 -2.82
N ASN A 22 -10.68 14.22 -1.86
CA ASN A 22 -9.28 14.22 -2.20
C ASN A 22 -8.88 12.91 -2.86
N ARG A 23 -9.35 11.81 -2.27
CA ARG A 23 -9.08 10.48 -2.79
C ARG A 23 -9.54 10.32 -4.25
N ASP A 24 -10.75 10.78 -4.54
CA ASP A 24 -11.29 10.66 -5.89
C ASP A 24 -10.52 11.45 -6.91
N HIS A 25 -10.13 12.66 -6.50
CA HIS A 25 -9.38 13.54 -7.36
C HIS A 25 -8.03 12.88 -7.65
N VAL A 26 -7.43 12.32 -6.61
CA VAL A 26 -6.16 11.67 -6.79
C VAL A 26 -6.24 10.41 -7.65
N THR A 27 -7.16 9.50 -7.38
CA THR A 27 -7.25 8.27 -8.15
C THR A 27 -7.63 8.51 -9.61
N ARG A 28 -8.52 9.47 -9.84
CA ARG A 28 -8.95 9.81 -11.20
C ARG A 28 -7.70 10.21 -11.97
N CYS A 29 -6.89 11.01 -11.30
CA CYS A 29 -5.70 11.48 -11.92
C CYS A 29 -4.66 10.36 -12.18
N VAL A 30 -4.52 9.42 -11.25
CA VAL A 30 -3.56 8.35 -11.43
C VAL A 30 -3.98 7.47 -12.59
N ALA A 31 -5.26 7.17 -12.61
CA ALA A 31 -5.85 6.34 -13.67
C ALA A 31 -5.68 6.96 -15.05
N GLN A 32 -6.03 8.23 -15.23
CA GLN A 32 -5.93 8.84 -16.55
C GLN A 32 -4.51 8.97 -17.08
N THR A 33 -3.51 8.93 -16.21
CA THR A 33 -2.19 9.05 -16.77
C THR A 33 -1.50 7.70 -16.96
N GLY A 34 -2.27 6.62 -16.84
CA GLY A 34 -1.68 5.33 -17.07
C GLY A 34 -1.50 4.46 -15.84
N GLY A 35 -1.84 4.98 -14.66
CA GLY A 35 -1.68 4.21 -13.45
C GLY A 35 -2.41 2.89 -13.46
N SER A 36 -1.73 1.81 -13.06
CA SER A 36 -2.34 0.49 -13.03
C SER A 36 -3.26 0.30 -11.83
N PRO A 37 -4.11 -0.71 -11.85
CA PRO A 37 -4.99 -0.86 -10.68
C PRO A 37 -4.28 -0.93 -9.32
N ASP A 38 -3.15 -1.64 -9.24
CA ASP A 38 -2.41 -1.74 -7.98
C ASP A 38 -1.93 -0.35 -7.54
N LEU A 39 -1.44 0.43 -8.49
CA LEU A 39 -0.97 1.77 -8.17
C LEU A 39 -2.17 2.68 -7.75
N VAL A 40 -3.31 2.56 -8.43
CA VAL A 40 -4.46 3.36 -8.05
C VAL A 40 -4.86 2.96 -6.65
N ALA A 41 -4.93 1.66 -6.40
CA ALA A 41 -5.32 1.16 -5.08
C ALA A 41 -4.36 1.67 -4.03
N HIS A 42 -3.07 1.63 -4.36
CA HIS A 42 -2.05 2.07 -3.45
C HIS A 42 -2.30 3.53 -3.00
N THR A 43 -2.60 4.41 -3.95
CA THR A 43 -2.81 5.81 -3.62
C THR A 43 -4.08 6.01 -2.84
N ALA A 44 -5.09 5.21 -3.13
CA ALA A 44 -6.37 5.34 -2.43
C ALA A 44 -6.23 4.90 -0.97
N ALA A 45 -5.16 4.16 -0.68
CA ALA A 45 -4.91 3.68 0.69
C ALA A 45 -4.10 4.66 1.58
N LEU A 46 -3.65 5.77 0.99
CA LEU A 46 -2.88 6.74 1.75
C LEU A 46 -3.84 7.63 2.54
N ARG A 47 -4.65 7.03 3.40
CA ARG A 47 -5.63 7.69 4.21
C ARG A 47 -5.29 9.03 4.89
N LEU A 48 -4.34 9.01 5.81
CA LEU A 48 -4.01 10.21 6.51
C LEU A 48 -3.46 11.28 5.59
N TYR A 49 -2.70 10.90 4.57
CA TYR A 49 -2.13 11.86 3.61
C TYR A 49 -3.22 12.55 2.82
N LEU A 50 -4.36 11.86 2.66
CA LEU A 50 -5.47 12.37 1.90
C LEU A 50 -6.33 13.20 2.82
N ARG A 51 -6.27 12.90 4.11
CA ARG A 51 -7.04 13.60 5.12
C ARG A 51 -6.38 14.90 5.60
N VAL A 52 -5.07 14.85 5.80
CA VAL A 52 -4.35 16.00 6.32
C VAL A 52 -4.61 17.33 5.58
N PRO A 53 -4.77 17.32 4.26
CA PRO A 53 -5.03 18.63 3.62
C PRO A 53 -6.27 19.33 4.19
N HIS A 54 -7.22 18.54 4.68
CA HIS A 54 -8.43 19.13 5.23
C HIS A 54 -8.11 19.90 6.49
N PHE A 55 -7.16 19.41 7.29
CA PHE A 55 -6.83 20.12 8.52
C PHE A 55 -6.06 21.38 8.20
N LEU A 56 -5.18 21.29 7.21
CA LEU A 56 -4.39 22.43 6.83
C LEU A 56 -5.23 23.58 6.24
N THR A 57 -6.39 23.27 5.72
CA THR A 57 -7.18 24.31 5.10
C THR A 57 -8.33 24.73 5.98
N GLU A 58 -8.23 24.47 7.27
CA GLU A 58 -9.32 24.82 8.17
C GLU A 58 -9.58 26.36 8.29
N TRP A 59 -8.57 27.18 8.00
CA TRP A 59 -8.72 28.63 8.11
C TRP A 59 -9.38 29.26 6.87
N THR A 60 -9.65 28.47 5.83
CA THR A 60 -10.25 28.98 4.58
C THR A 60 -11.78 29.13 4.70
N THR A 61 -12.29 30.36 4.56
CA THR A 61 -13.73 30.54 4.73
C THR A 61 -14.60 30.16 3.54
N ASP A 62 -14.14 30.36 2.30
CA ASP A 62 -14.99 29.96 1.18
C ASP A 62 -14.93 28.45 0.97
N PRO A 63 -16.06 27.76 1.15
CA PRO A 63 -16.11 26.30 0.98
C PRO A 63 -15.58 25.80 -0.35
N ASP A 64 -15.84 26.54 -1.42
CA ASP A 64 -15.36 26.13 -2.74
C ASP A 64 -13.84 26.25 -2.87
N ARG A 65 -13.28 27.35 -2.39
CA ARG A 65 -11.84 27.55 -2.43
C ARG A 65 -11.17 26.47 -1.55
N ARG A 66 -11.78 26.21 -0.40
CA ARG A 66 -11.25 25.25 0.54
C ARG A 66 -11.16 23.86 -0.05
N ALA A 67 -12.22 23.44 -0.74
CA ALA A 67 -12.25 22.14 -1.39
C ALA A 67 -11.18 22.06 -2.49
N ALA A 68 -10.98 23.17 -3.20
CA ALA A 68 -10.00 23.20 -4.28
C ALA A 68 -8.54 23.19 -3.79
N VAL A 69 -8.25 23.92 -2.71
CA VAL A 69 -6.90 23.92 -2.20
C VAL A 69 -6.60 22.53 -1.60
N SER A 70 -7.58 22.01 -0.88
CA SER A 70 -7.48 20.73 -0.22
C SER A 70 -7.08 19.65 -1.24
N ARG A 71 -7.83 19.57 -2.35
CA ARG A 71 -7.49 18.53 -3.30
C ARG A 71 -6.12 18.75 -4.03
N ALA A 72 -5.76 20.02 -4.22
CA ALA A 72 -4.49 20.34 -4.87
C ALA A 72 -3.32 19.88 -3.95
N LEU A 73 -3.44 20.17 -2.65
CA LEU A 73 -2.43 19.74 -1.71
C LEU A 73 -2.34 18.20 -1.71
N ALA A 74 -3.49 17.54 -1.74
CA ALA A 74 -3.53 16.09 -1.71
C ALA A 74 -2.79 15.51 -2.93
N LEU A 75 -2.89 16.20 -4.06
CA LEU A 75 -2.18 15.70 -5.22
C LEU A 75 -0.66 15.72 -5.00
N ASP A 76 -0.13 16.83 -4.48
CA ASP A 76 1.30 16.90 -4.29
C ASP A 76 1.79 16.04 -3.15
N ILE A 77 1.05 16.02 -2.05
CA ILE A 77 1.44 15.17 -0.94
C ILE A 77 1.49 13.70 -1.45
N VAL A 78 0.47 13.24 -2.17
CA VAL A 78 0.54 11.86 -2.65
C VAL A 78 1.75 11.71 -3.57
N SER A 79 2.02 12.74 -4.35
CA SER A 79 3.15 12.72 -5.24
C SER A 79 4.48 12.45 -4.52
N MET A 80 4.67 13.19 -3.44
CA MET A 80 5.87 13.08 -2.63
C MET A 80 5.92 11.72 -1.96
N LYS A 81 4.75 11.17 -1.64
CA LYS A 81 4.72 9.86 -1.04
C LYS A 81 5.20 8.82 -2.08
N LEU A 82 4.75 8.95 -3.32
CA LEU A 82 5.16 7.98 -4.35
C LEU A 82 6.67 8.11 -4.60
N LEU A 83 7.19 9.34 -4.58
CA LEU A 83 8.61 9.53 -4.78
C LEU A 83 9.34 8.82 -3.67
N ASP A 84 8.74 8.81 -2.49
CA ASP A 84 9.36 8.16 -1.36
C ASP A 84 9.28 6.64 -1.55
N ASP A 85 8.20 6.15 -2.14
CA ASP A 85 8.06 4.70 -2.38
C ASP A 85 9.12 4.27 -3.39
N LEU A 86 9.37 5.18 -4.32
CA LEU A 86 10.32 4.95 -5.38
C LEU A 86 11.75 4.88 -4.86
N MET A 87 12.07 5.62 -3.82
CA MET A 87 13.43 5.54 -3.34
C MET A 87 13.64 4.34 -2.38
N ASP A 88 12.58 3.91 -1.69
CA ASP A 88 12.67 2.76 -0.79
C ASP A 88 12.60 1.48 -1.62
N ASP A 89 11.91 1.56 -2.76
CA ASP A 89 11.76 0.43 -3.68
C ASP A 89 11.33 -0.86 -2.99
N ASP A 90 10.30 -0.79 -2.15
CA ASP A 90 9.82 -1.97 -1.44
C ASP A 90 8.32 -2.19 -1.46
N THR A 91 7.63 -1.62 -2.43
CA THR A 91 6.19 -1.77 -2.51
C THR A 91 5.77 -2.85 -3.49
N GLY A 92 6.70 -3.28 -4.33
CA GLY A 92 6.37 -4.28 -5.32
C GLY A 92 5.82 -3.59 -6.58
N LEU A 93 5.48 -2.31 -6.47
CA LEU A 93 4.94 -1.56 -7.61
C LEU A 93 5.97 -1.33 -8.72
N ASP A 94 5.47 -1.08 -9.93
CA ASP A 94 6.29 -0.81 -11.09
C ASP A 94 6.95 0.57 -11.01
N ARG A 95 8.28 0.59 -10.96
CA ARG A 95 9.04 1.82 -10.86
C ARG A 95 8.75 2.84 -11.96
N VAL A 96 8.37 2.36 -13.14
CA VAL A 96 8.07 3.27 -14.23
C VAL A 96 6.78 3.99 -13.94
N GLU A 97 5.77 3.25 -13.50
CA GLU A 97 4.49 3.83 -13.13
C GLU A 97 4.65 4.80 -11.95
N LEU A 98 5.43 4.37 -10.95
CA LEU A 98 5.65 5.19 -9.77
C LEU A 98 6.22 6.53 -10.16
N ALA A 99 7.27 6.50 -10.96
CA ALA A 99 7.92 7.72 -11.38
C ALA A 99 7.03 8.61 -12.22
N CYS A 100 6.38 8.02 -13.22
CA CYS A 100 5.53 8.81 -14.10
C CYS A 100 4.32 9.42 -13.42
N VAL A 101 3.62 8.63 -12.62
CA VAL A 101 2.47 9.11 -11.89
C VAL A 101 2.90 10.18 -10.88
N CYS A 102 4.00 9.93 -10.17
CA CYS A 102 4.58 10.88 -9.21
C CYS A 102 4.74 12.24 -9.92
N LEU A 103 5.44 12.25 -11.05
CA LEU A 103 5.64 13.48 -11.79
C LEU A 103 4.31 14.11 -12.17
N ARG A 104 3.44 13.33 -12.82
CA ARG A 104 2.17 13.83 -13.28
C ARG A 104 1.32 14.50 -12.18
N LEU A 105 1.17 13.86 -11.03
CA LEU A 105 0.39 14.45 -9.92
C LEU A 105 0.99 15.77 -9.47
N HIS A 106 2.30 15.76 -9.35
CA HIS A 106 3.04 16.93 -8.90
C HIS A 106 2.78 18.13 -9.80
N LEU A 107 2.90 17.91 -11.10
CA LEU A 107 2.72 19.00 -12.07
C LEU A 107 1.29 19.54 -12.03
N ARG A 108 0.31 18.65 -11.85
CA ARG A 108 -1.10 19.07 -11.76
C ARG A 108 -1.27 19.88 -10.47
N ALA A 109 -0.62 19.48 -9.38
CA ALA A 109 -0.78 20.23 -8.16
C ALA A 109 -0.19 21.62 -8.33
N LEU A 110 0.98 21.71 -8.95
CA LEU A 110 1.60 23.00 -9.18
C LEU A 110 0.61 23.89 -9.90
N HIS A 111 -0.02 23.33 -10.92
CA HIS A 111 -0.97 24.05 -11.73
C HIS A 111 -2.19 24.49 -10.93
N GLU A 112 -2.76 23.56 -10.16
CA GLU A 112 -3.94 23.88 -9.40
C GLU A 112 -3.61 24.90 -8.30
N LEU A 113 -2.53 24.66 -7.57
CA LEU A 113 -2.14 25.58 -6.51
C LEU A 113 -1.87 26.99 -7.06
N GLU A 114 -1.17 27.08 -8.17
CA GLU A 114 -0.85 28.38 -8.72
C GLU A 114 -2.07 29.11 -9.20
N SER A 115 -3.08 28.38 -9.66
CA SER A 115 -4.26 29.04 -10.13
C SER A 115 -5.14 29.48 -8.95
N LEU A 116 -4.75 29.14 -7.73
CA LEU A 116 -5.53 29.54 -6.56
C LEU A 116 -4.76 30.56 -5.71
N ALA A 117 -3.46 30.64 -5.92
CA ALA A 117 -2.66 31.57 -5.13
C ALA A 117 -2.92 33.04 -5.43
N ARG A 118 -2.79 33.89 -4.41
CA ARG A 118 -2.95 35.35 -4.61
C ARG A 118 -1.85 35.74 -5.59
N ASP A 119 -0.64 35.27 -5.30
CA ASP A 119 0.51 35.52 -6.18
C ASP A 119 1.03 34.18 -6.69
N PRO A 120 0.88 33.88 -7.99
CA PRO A 120 1.41 32.57 -8.42
C PRO A 120 2.85 32.29 -8.01
N LYS A 121 3.68 33.33 -7.95
CA LYS A 121 5.07 33.17 -7.54
C LYS A 121 5.24 32.63 -6.09
N ALA A 122 4.24 32.81 -5.25
CA ALA A 122 4.37 32.37 -3.86
C ALA A 122 4.52 30.85 -3.71
N VAL A 123 4.00 30.11 -4.68
CA VAL A 123 4.05 28.67 -4.65
C VAL A 123 5.48 28.18 -4.83
N THR A 124 6.18 28.69 -5.85
CA THR A 124 7.54 28.22 -6.05
C THR A 124 8.46 28.86 -5.03
N ASP A 125 8.07 30.01 -4.48
CA ASP A 125 8.88 30.64 -3.42
C ASP A 125 8.92 29.67 -2.24
N ILE A 126 7.74 29.23 -1.81
CA ILE A 126 7.61 28.32 -0.67
C ILE A 126 8.32 26.99 -0.92
N LEU A 127 8.11 26.40 -2.11
CA LEU A 127 8.74 25.12 -2.40
C LEU A 127 10.27 25.21 -2.44
N GLU A 128 10.82 26.35 -2.86
CA GLU A 128 12.30 26.49 -2.91
C GLU A 128 12.98 26.90 -1.59
N GLN A 129 12.34 27.80 -0.86
CA GLN A 129 12.85 28.35 0.39
C GLN A 129 13.66 27.42 1.28
N ASP A 130 13.07 26.29 1.61
CA ASP A 130 13.76 25.34 2.45
C ASP A 130 13.84 23.98 1.76
N ALA A 131 13.97 24.00 0.43
CA ALA A 131 14.07 22.77 -0.33
C ALA A 131 15.35 22.03 0.09
N VAL A 132 16.43 22.79 0.29
CA VAL A 132 17.70 22.19 0.71
C VAL A 132 17.58 21.53 2.09
N HIS A 133 16.91 22.24 3.01
CA HIS A 133 16.70 21.71 4.37
C HIS A 133 15.91 20.41 4.32
N LEU A 134 14.85 20.40 3.53
CA LEU A 134 14.03 19.22 3.35
C LEU A 134 14.76 18.05 2.62
N CYS A 135 15.37 18.31 1.46
CA CYS A 135 16.04 17.23 0.71
C CYS A 135 17.37 16.78 1.32
N GLY A 136 18.21 17.73 1.75
CA GLY A 136 19.45 17.36 2.39
C GLY A 136 19.09 16.63 3.67
N GLY A 137 17.96 17.03 4.25
CA GLY A 137 17.49 16.43 5.47
C GLY A 137 17.15 14.98 5.33
N GLN A 138 16.39 14.65 4.30
CA GLN A 138 16.00 13.26 4.05
C GLN A 138 17.26 12.41 3.81
N ILE A 139 18.22 12.95 3.06
CA ILE A 139 19.45 12.21 2.80
C ILE A 139 20.15 11.84 4.12
N ARG A 140 20.37 12.84 4.98
CA ARG A 140 21.03 12.64 6.28
C ARG A 140 20.29 11.64 7.18
N THR A 141 18.96 11.66 7.11
CA THR A 141 18.12 10.78 7.91
C THR A 141 18.35 9.33 7.57
N LYS A 142 18.45 9.06 6.27
CA LYS A 142 18.67 7.69 5.85
C LYS A 142 20.15 7.35 5.95
N ARG A 143 21.00 8.36 6.07
CA ARG A 143 22.43 8.08 6.16
C ARG A 143 22.83 7.55 7.53
N SER A 144 22.51 8.34 8.55
CA SER A 144 22.86 8.02 9.92
C SER A 144 21.63 7.87 10.80
N ARG A 145 21.29 6.64 11.14
CA ARG A 145 20.12 6.37 11.97
C ARG A 145 20.25 6.92 13.38
N ALA A 146 19.13 7.40 13.92
CA ALA A 146 19.08 8.00 15.26
C ALA A 146 19.37 7.03 16.40
N THR A 147 19.95 7.51 17.49
CA THR A 147 20.29 6.66 18.63
C THR A 147 19.65 7.12 19.94
N ASN A 148 19.00 8.28 19.91
CA ASN A 148 18.32 8.83 21.07
C ASN A 148 17.18 9.72 20.61
N LEU A 149 16.36 10.17 21.55
CA LEU A 149 15.21 10.99 21.19
C LEU A 149 15.62 12.31 20.57
N ARG A 150 16.77 12.85 20.98
CA ARG A 150 17.25 14.12 20.45
C ARG A 150 17.48 13.97 18.95
N GLU A 151 18.25 12.95 18.58
CA GLU A 151 18.57 12.71 17.18
C GLU A 151 17.32 12.36 16.39
N TRP A 152 16.43 11.60 17.00
CA TRP A 152 15.20 11.24 16.31
C TRP A 152 14.36 12.48 15.97
N ARG A 153 14.26 13.39 16.92
CA ARG A 153 13.45 14.58 16.71
C ARG A 153 14.08 15.47 15.63
N ALA A 154 15.40 15.54 15.68
CA ALA A 154 16.15 16.32 14.72
C ALA A 154 15.82 15.84 13.31
N HIS A 155 15.85 14.53 13.08
CA HIS A 155 15.55 13.98 11.76
C HIS A 155 14.10 14.17 11.34
N ALA A 156 13.19 13.82 12.26
CA ALA A 156 11.76 13.92 12.00
C ALA A 156 11.37 15.37 11.75
N SER A 157 12.21 16.27 12.21
CA SER A 157 11.93 17.67 12.03
C SER A 157 12.05 18.06 10.55
N THR A 158 12.75 17.25 9.76
CA THR A 158 12.83 17.55 8.34
C THR A 158 11.78 16.76 7.52
N TYR A 159 11.86 15.44 7.50
CA TYR A 159 10.89 14.71 6.69
C TYR A 159 9.45 14.78 7.25
N GLY A 160 9.31 15.14 8.51
CA GLY A 160 7.98 15.27 9.05
C GLY A 160 7.56 16.74 9.06
N SER A 161 8.16 17.49 9.98
CA SER A 161 7.80 18.89 10.18
C SER A 161 7.97 19.84 9.03
N THR A 162 9.18 19.93 8.46
CA THR A 162 9.41 20.81 7.34
C THR A 162 8.52 20.37 6.20
N PHE A 163 8.44 19.05 5.98
CA PHE A 163 7.61 18.52 4.93
C PHE A 163 6.13 19.04 5.01
N LEU A 164 5.47 18.89 6.16
CA LEU A 164 4.08 19.35 6.22
C LEU A 164 4.02 20.87 6.36
N GLY A 165 5.04 21.44 7.00
CA GLY A 165 5.10 22.89 7.17
C GLY A 165 4.94 23.60 5.84
N ARG A 166 5.58 23.06 4.81
CA ARG A 166 5.49 23.66 3.47
C ARG A 166 4.03 23.68 2.97
N TYR A 167 3.31 22.58 3.16
CA TYR A 167 1.95 22.54 2.70
C TYR A 167 1.11 23.49 3.56
N GLY A 168 1.57 23.75 4.78
CA GLY A 168 0.86 24.67 5.64
C GLY A 168 0.93 26.02 4.95
N ALA A 169 2.15 26.43 4.62
CA ALA A 169 2.35 27.71 3.99
C ALA A 169 1.61 27.83 2.68
N LEU A 170 1.54 26.73 1.96
CA LEU A 170 0.90 26.72 0.65
C LEU A 170 -0.59 26.90 0.84
N ALA A 171 -1.12 26.28 1.88
CA ALA A 171 -2.53 26.41 2.18
C ALA A 171 -2.86 27.88 2.51
N ALA A 172 -1.95 28.58 3.17
CA ALA A 172 -2.28 29.95 3.53
C ALA A 172 -2.13 30.85 2.34
N ALA A 173 -1.21 30.48 1.44
CA ALA A 173 -0.97 31.31 0.28
C ALA A 173 -2.04 31.17 -0.79
N CYS A 174 -2.75 30.04 -0.76
CA CYS A 174 -3.79 29.76 -1.74
C CYS A 174 -5.18 29.90 -1.11
N GLY A 175 -5.21 30.23 0.17
CA GLY A 175 -6.47 30.34 0.86
C GLY A 175 -7.14 31.68 0.98
N GLY A 176 -6.66 32.71 0.28
CA GLY A 176 -7.33 34.01 0.41
C GLY A 176 -7.08 34.69 1.75
N GLU A 177 -7.83 35.74 2.08
CA GLU A 177 -7.59 36.41 3.37
C GLU A 177 -8.07 35.74 4.65
N GLY A 178 -7.60 36.30 5.76
CA GLY A 178 -7.94 35.75 7.06
C GLY A 178 -7.05 34.54 7.30
N GLN A 179 -5.83 34.58 6.78
CA GLN A 179 -4.97 33.43 6.97
C GLN A 179 -3.71 33.82 7.76
N PRO A 180 -3.59 33.31 9.00
CA PRO A 180 -2.38 33.66 9.74
C PRO A 180 -1.28 32.64 9.35
N ALA A 181 -0.68 32.91 8.19
CA ALA A 181 0.36 32.08 7.58
C ALA A 181 1.35 31.42 8.54
N ASP A 182 1.97 32.19 9.42
CA ASP A 182 2.92 31.63 10.40
C ASP A 182 2.27 30.64 11.33
N SER A 183 1.01 30.87 11.69
CA SER A 183 0.37 29.92 12.59
C SER A 183 -0.06 28.67 11.86
N VAL A 184 -0.49 28.81 10.60
CA VAL A 184 -0.91 27.63 9.85
C VAL A 184 0.32 26.69 9.81
N ARG A 185 1.46 27.30 9.53
CA ARG A 185 2.70 26.57 9.43
C ARG A 185 3.15 25.98 10.77
N GLU A 186 2.99 26.75 11.84
CA GLU A 186 3.35 26.25 13.16
C GLU A 186 2.49 25.03 13.43
N PHE A 187 1.18 25.15 13.17
CA PHE A 187 0.28 24.04 13.39
C PHE A 187 0.75 22.79 12.62
N ALA A 188 0.99 22.99 11.33
CA ALA A 188 1.37 21.89 10.46
C ALA A 188 2.65 21.20 10.94
N GLU A 189 3.63 21.98 11.38
CA GLU A 189 4.89 21.41 11.82
C GLU A 189 4.80 20.63 13.12
N ALA A 190 3.99 21.11 14.04
CA ALA A 190 3.82 20.41 15.31
C ALA A 190 2.95 19.17 15.08
N PHE A 191 1.89 19.33 14.30
CA PHE A 191 0.99 18.21 14.06
C PHE A 191 1.74 17.09 13.28
N ALA A 192 2.54 17.50 12.31
CA ALA A 192 3.30 16.56 11.50
C ALA A 192 4.18 15.71 12.42
N MET A 193 4.81 16.32 13.41
CA MET A 193 5.68 15.54 14.27
C MET A 193 4.92 14.50 15.11
N THR A 194 3.72 14.86 15.58
CA THR A 194 2.87 13.96 16.34
C THR A 194 2.58 12.73 15.44
N ILE A 195 2.08 12.97 14.23
CA ILE A 195 1.77 11.85 13.36
C ILE A 195 2.98 11.05 12.85
N THR A 196 4.15 11.70 12.74
CA THR A 196 5.35 11.00 12.32
C THR A 196 5.69 10.02 13.46
N MET A 197 5.55 10.45 14.71
CA MET A 197 5.82 9.53 15.81
C MET A 197 4.82 8.39 15.75
N ALA A 198 3.58 8.73 15.47
CA ALA A 198 2.56 7.71 15.39
C ALA A 198 2.98 6.70 14.34
N ASP A 199 3.32 7.19 13.16
CA ASP A 199 3.72 6.29 12.08
C ASP A 199 4.87 5.37 12.51
N ASP A 200 5.89 5.97 13.10
CA ASP A 200 7.02 5.23 13.57
C ASP A 200 6.58 4.07 14.48
N LEU A 201 5.72 4.37 15.45
CA LEU A 201 5.23 3.39 16.42
C LEU A 201 4.19 2.39 15.87
N THR A 202 3.76 2.59 14.63
CA THR A 202 2.79 1.69 14.00
C THR A 202 3.59 0.82 13.01
N ASP A 203 4.50 1.46 12.28
CA ASP A 203 5.37 0.83 11.28
C ASP A 203 6.45 -0.12 11.82
N TYR A 204 6.65 -0.12 13.13
CA TYR A 204 7.62 -1.03 13.72
C TYR A 204 7.10 -2.46 13.52
N ASP A 205 5.81 -2.66 13.74
CA ASP A 205 5.20 -3.98 13.60
C ASP A 205 4.61 -4.21 12.22
N ARG A 206 3.99 -3.19 11.63
CA ARG A 206 3.39 -3.36 10.31
C ARG A 206 4.44 -3.51 9.20
N ASN A 207 5.58 -2.83 9.38
CA ASN A 207 6.68 -2.89 8.41
C ASN A 207 7.93 -3.62 8.92
N GLY A 208 7.99 -3.89 10.22
CA GLY A 208 9.16 -4.56 10.75
C GLY A 208 10.36 -3.62 10.70
N GLU A 209 10.12 -2.34 10.96
CA GLU A 209 11.18 -1.33 10.95
C GLU A 209 11.99 -1.36 12.25
N ARG A 210 13.30 -1.16 12.11
CA ARG A 210 14.20 -1.17 13.26
C ARG A 210 15.10 0.07 13.35
N ASP A 211 16.11 0.14 12.48
CA ASP A 211 17.05 1.25 12.48
C ASP A 211 16.50 2.66 12.38
N GLY A 212 16.78 3.45 13.42
CA GLY A 212 16.32 4.83 13.49
C GLY A 212 14.86 4.95 13.88
N ASN A 213 14.18 3.81 13.94
CA ASN A 213 12.77 3.73 14.30
C ASN A 213 12.67 4.03 15.79
N LEU A 214 11.81 4.99 16.14
CA LEU A 214 11.59 5.40 17.53
C LEU A 214 11.14 4.23 18.41
N ALA A 215 10.35 3.34 17.83
CA ALA A 215 9.85 2.20 18.58
C ALA A 215 10.99 1.30 19.00
N HIS A 216 11.89 1.04 18.08
CA HIS A 216 13.02 0.19 18.34
C HIS A 216 13.85 0.76 19.47
N LEU A 217 14.15 2.05 19.39
CA LEU A 217 14.94 2.73 20.42
C LEU A 217 14.21 2.64 21.76
N MET A 218 12.88 2.67 21.71
CA MET A 218 12.14 2.59 22.95
C MET A 218 12.30 1.23 23.58
N ARG A 219 12.17 0.20 22.75
CA ARG A 219 12.27 -1.16 23.22
C ARG A 219 13.70 -1.52 23.65
N THR A 220 14.69 -1.01 22.94
CA THR A 220 16.08 -1.31 23.30
C THR A 220 16.62 -0.45 24.42
N GLY A 221 15.76 0.38 25.03
CA GLY A 221 16.20 1.23 26.13
C GLY A 221 16.89 2.54 25.80
N ALA A 222 17.21 2.81 24.55
CA ALA A 222 17.89 4.06 24.23
C ALA A 222 16.98 5.29 24.44
N VAL A 223 15.66 5.06 24.54
CA VAL A 223 14.71 6.15 24.73
C VAL A 223 13.68 5.84 25.83
N ALA A 224 13.52 6.76 26.77
CA ALA A 224 12.58 6.59 27.88
C ALA A 224 11.14 6.94 27.53
N GLY A 225 10.21 6.10 27.96
CA GLY A 225 8.82 6.35 27.68
C GLY A 225 8.36 7.74 28.12
N GLN A 226 8.81 8.18 29.31
CA GLN A 226 8.38 9.47 29.84
C GLN A 226 8.81 10.62 28.93
N ASP A 227 9.98 10.49 28.34
CA ASP A 227 10.42 11.54 27.45
C ASP A 227 9.52 11.60 26.21
N VAL A 228 9.11 10.44 25.69
CA VAL A 228 8.24 10.38 24.53
C VAL A 228 6.91 11.02 24.89
N VAL A 229 6.41 10.72 26.09
CA VAL A 229 5.18 11.31 26.57
C VAL A 229 5.35 12.82 26.62
N ASP A 230 6.49 13.27 27.15
CA ASP A 230 6.74 14.71 27.26
C ASP A 230 6.73 15.42 25.91
N LEU A 231 7.40 14.81 24.93
CA LEU A 231 7.48 15.39 23.60
C LEU A 231 6.06 15.52 23.02
N LEU A 232 5.27 14.47 23.18
CA LEU A 232 3.91 14.49 22.68
C LEU A 232 3.16 15.63 23.32
N GLU A 233 3.35 15.84 24.64
CA GLU A 233 2.61 16.94 25.29
C GLU A 233 3.10 18.30 24.80
N GLU A 234 4.37 18.40 24.45
CA GLU A 234 4.90 19.68 23.98
C GLU A 234 4.33 19.96 22.61
N LEU A 235 4.23 18.92 21.78
CA LEU A 235 3.67 19.08 20.45
C LEU A 235 2.19 19.45 20.49
N ARG A 236 1.46 18.88 21.44
CA ARG A 236 0.02 19.13 21.58
C ARG A 236 -0.13 20.61 21.90
N GLY A 237 0.67 21.04 22.88
CA GLY A 237 0.66 22.43 23.30
C GLY A 237 0.98 23.37 22.15
N ARG A 238 2.04 23.05 21.39
CA ARG A 238 2.40 23.91 20.26
C ARG A 238 1.25 23.99 19.24
N ALA A 239 0.63 22.87 18.93
CA ALA A 239 -0.47 22.87 17.97
C ALA A 239 -1.66 23.66 18.51
N LEU A 240 -2.02 23.45 19.77
CA LEU A 240 -3.16 24.18 20.33
C LEU A 240 -2.94 25.69 20.26
N ALA A 241 -1.73 26.14 20.56
CA ALA A 241 -1.46 27.57 20.52
C ALA A 241 -1.54 28.09 19.10
N ALA A 242 -1.03 27.31 18.14
CA ALA A 242 -1.03 27.78 16.77
C ALA A 242 -2.45 28.03 16.29
N VAL A 243 -3.37 27.13 16.64
CA VAL A 243 -4.74 27.28 16.18
C VAL A 243 -5.56 28.33 16.97
N ALA A 244 -4.97 28.89 18.01
CA ALA A 244 -5.66 29.91 18.78
C ALA A 244 -5.22 31.31 18.36
N ALA A 245 -4.22 31.41 17.50
CA ALA A 245 -3.79 32.73 17.02
C ALA A 245 -4.91 33.28 16.12
N PRO A 246 -5.18 34.58 16.19
CA PRO A 246 -6.26 35.15 15.36
C PRO A 246 -5.95 35.15 13.88
N PRO A 247 -6.95 34.89 13.04
CA PRO A 247 -8.36 34.59 13.30
C PRO A 247 -8.74 33.30 14.05
N GLY A 248 -7.88 32.31 14.08
CA GLY A 248 -8.23 31.11 14.83
C GLY A 248 -8.93 29.99 14.08
N ALA A 249 -8.55 28.76 14.42
CA ALA A 249 -9.16 27.57 13.81
C ALA A 249 -9.59 26.64 14.95
N PRO A 250 -10.61 27.04 15.70
CA PRO A 250 -11.06 26.19 16.82
C PRO A 250 -11.42 24.79 16.41
N GLY A 251 -11.79 24.61 15.14
CA GLY A 251 -12.15 23.27 14.68
C GLY A 251 -11.00 22.27 14.79
N LEU A 252 -9.76 22.75 14.78
CA LEU A 252 -8.60 21.86 14.89
C LEU A 252 -8.29 21.43 16.33
N VAL A 253 -8.91 22.07 17.31
CA VAL A 253 -8.60 21.69 18.69
C VAL A 253 -8.83 20.19 18.97
N PRO A 254 -10.04 19.69 18.71
CA PRO A 254 -10.27 18.26 18.96
C PRO A 254 -9.38 17.34 18.10
N VAL A 255 -9.04 17.79 16.89
CA VAL A 255 -8.18 16.98 16.01
C VAL A 255 -6.79 16.81 16.67
N VAL A 256 -6.28 17.87 17.29
CA VAL A 256 -4.99 17.79 17.93
C VAL A 256 -5.04 16.79 19.08
N HIS A 257 -6.11 16.86 19.85
CA HIS A 257 -6.23 15.96 20.98
C HIS A 257 -6.38 14.54 20.50
N LEU A 258 -7.19 14.36 19.45
CA LEU A 258 -7.45 13.01 18.94
C LEU A 258 -6.17 12.29 18.58
N TYR A 259 -5.35 12.90 17.74
CA TYR A 259 -4.14 12.24 17.31
C TYR A 259 -3.09 12.09 18.40
N THR A 260 -3.04 13.07 19.30
CA THR A 260 -2.07 12.99 20.39
C THR A 260 -2.46 11.88 21.33
N ASP A 261 -3.71 11.87 21.76
CA ASP A 261 -4.17 10.87 22.69
C ASP A 261 -4.08 9.48 22.11
N ASP A 262 -4.35 9.33 20.81
CA ASP A 262 -4.22 8.02 20.20
C ASP A 262 -2.79 7.49 20.40
N VAL A 263 -1.78 8.32 20.17
CA VAL A 263 -0.40 7.85 20.39
C VAL A 263 -0.15 7.47 21.87
N LEU A 264 -0.66 8.29 22.79
CA LEU A 264 -0.47 8.03 24.21
C LEU A 264 -1.21 6.80 24.74
N VAL A 265 -2.42 6.61 24.29
CA VAL A 265 -3.25 5.53 24.76
C VAL A 265 -3.08 4.24 24.01
N ARG A 266 -3.07 4.30 22.69
CA ARG A 266 -2.99 3.09 21.91
C ARG A 266 -1.59 2.68 21.53
N LEU A 267 -0.81 3.61 21.02
CA LEU A 267 0.50 3.24 20.56
C LEU A 267 1.65 3.08 21.56
N LEU A 268 1.80 3.97 22.52
CA LEU A 268 2.92 3.83 23.44
C LEU A 268 2.99 2.54 24.22
N PRO A 269 1.85 2.11 24.78
CA PRO A 269 1.85 0.86 25.57
C PRO A 269 2.42 -0.30 24.78
N ARG A 270 2.31 -0.24 23.47
CA ARG A 270 2.79 -1.33 22.68
C ARG A 270 4.27 -1.45 22.77
N HIS A 271 4.94 -0.42 23.26
CA HIS A 271 6.41 -0.45 23.31
C HIS A 271 7.03 -0.27 24.68
N LEU A 272 6.31 -0.63 25.74
CA LEU A 272 6.82 -0.43 27.11
C LEU A 272 6.27 -1.47 28.09
N ASP B 10 32.78 32.23 -33.41
CA ASP B 10 33.01 32.29 -31.93
C ASP B 10 31.79 31.72 -31.19
N ASP B 11 30.88 31.10 -31.95
CA ASP B 11 29.69 30.51 -31.38
C ASP B 11 30.00 29.16 -30.74
N ASP B 12 31.04 28.49 -31.24
CA ASP B 12 31.44 27.22 -30.66
C ASP B 12 32.01 27.48 -29.28
N ASP B 13 32.64 28.65 -29.12
CA ASP B 13 33.16 29.03 -27.83
C ASP B 13 32.05 29.43 -26.87
N LYS B 14 30.99 30.06 -27.38
CA LYS B 14 29.88 30.44 -26.51
C LYS B 14 29.19 29.17 -26.02
N MET B 15 29.07 28.21 -26.93
CA MET B 15 28.45 26.93 -26.68
C MET B 15 29.18 26.19 -25.57
N LEU B 16 30.50 26.12 -25.64
CA LEU B 16 31.28 25.44 -24.61
C LEU B 16 31.21 26.18 -23.30
N ALA B 17 31.23 27.51 -23.34
CA ALA B 17 31.17 28.23 -22.08
C ALA B 17 29.79 28.03 -21.48
N ALA B 18 28.77 27.99 -22.31
CA ALA B 18 27.41 27.85 -21.78
C ALA B 18 27.29 26.49 -21.08
N GLU B 19 27.75 25.44 -21.75
CA GLU B 19 27.69 24.12 -21.16
C GLU B 19 28.49 24.08 -19.86
N ALA B 20 29.64 24.76 -19.84
CA ALA B 20 30.44 24.73 -18.62
C ALA B 20 29.74 25.49 -17.52
N ALA B 21 29.04 26.58 -17.86
CA ALA B 21 28.35 27.36 -16.84
C ALA B 21 27.20 26.52 -16.27
N ASN B 22 26.48 25.85 -17.15
CA ASN B 22 25.39 25.02 -16.69
C ASN B 22 25.94 23.91 -15.84
N ARG B 23 27.06 23.33 -16.25
CA ARG B 23 27.67 22.25 -15.47
C ARG B 23 27.95 22.77 -14.05
N ASP B 24 28.58 23.94 -13.98
CA ASP B 24 28.91 24.53 -12.68
C ASP B 24 27.67 24.70 -11.80
N HIS B 25 26.66 25.39 -12.34
CA HIS B 25 25.42 25.61 -11.58
C HIS B 25 24.78 24.29 -11.10
N VAL B 26 24.69 23.29 -11.97
CA VAL B 26 24.09 22.02 -11.56
C VAL B 26 24.90 21.29 -10.49
N THR B 27 26.18 21.03 -10.73
CA THR B 27 27.00 20.32 -9.75
C THR B 27 27.01 21.01 -8.36
N ARG B 28 27.14 22.34 -8.33
CA ARG B 28 27.16 23.03 -7.03
C ARG B 28 25.85 22.84 -6.30
N CYS B 29 24.78 22.81 -7.06
CA CYS B 29 23.47 22.66 -6.48
C CYS B 29 23.28 21.21 -5.98
N VAL B 30 23.82 20.23 -6.68
CA VAL B 30 23.73 18.84 -6.26
C VAL B 30 24.53 18.66 -4.95
N ALA B 31 25.76 19.17 -4.94
CA ALA B 31 26.61 19.08 -3.77
C ALA B 31 25.99 19.83 -2.55
N GLN B 32 25.46 21.02 -2.78
CA GLN B 32 24.86 21.80 -1.70
C GLN B 32 23.66 21.08 -1.03
N THR B 33 23.04 20.14 -1.72
CA THR B 33 21.91 19.42 -1.14
C THR B 33 22.34 18.13 -0.46
N GLY B 34 23.64 17.83 -0.46
CA GLY B 34 24.04 16.56 0.16
C GLY B 34 24.32 15.46 -0.85
N GLY B 35 24.43 15.87 -2.12
CA GLY B 35 24.72 14.91 -3.16
C GLY B 35 26.15 14.41 -3.00
N SER B 36 26.36 13.10 -3.11
CA SER B 36 27.71 12.51 -2.96
C SER B 36 28.57 12.83 -4.19
N PRO B 37 29.91 12.64 -4.09
CA PRO B 37 30.78 12.94 -5.24
C PRO B 37 30.40 12.14 -6.49
N ASP B 38 30.00 10.88 -6.29
CA ASP B 38 29.60 10.06 -7.43
C ASP B 38 28.40 10.70 -8.15
N LEU B 39 27.41 11.12 -7.37
CA LEU B 39 26.24 11.73 -7.98
C LEU B 39 26.68 13.04 -8.65
N VAL B 40 27.56 13.78 -8.00
CA VAL B 40 28.02 14.99 -8.64
C VAL B 40 28.72 14.62 -9.96
N ALA B 41 29.59 13.62 -9.96
CA ALA B 41 30.30 13.24 -11.19
C ALA B 41 29.29 12.80 -12.23
N HIS B 42 28.25 12.10 -11.79
CA HIS B 42 27.20 11.65 -12.69
C HIS B 42 26.55 12.83 -13.43
N THR B 43 26.10 13.84 -12.69
CA THR B 43 25.48 14.94 -13.37
C THR B 43 26.43 15.76 -14.22
N ALA B 44 27.69 15.87 -13.82
CA ALA B 44 28.62 16.64 -14.65
C ALA B 44 28.86 15.95 -16.00
N ALA B 45 28.71 14.61 -16.04
CA ALA B 45 28.87 13.81 -17.26
C ALA B 45 27.70 13.93 -18.27
N LEU B 46 26.59 14.56 -17.87
CA LEU B 46 25.45 14.72 -18.79
C LEU B 46 25.74 15.89 -19.74
N ARG B 47 26.73 15.70 -20.60
CA ARG B 47 27.14 16.78 -21.48
C ARG B 47 26.09 17.35 -22.41
N LEU B 48 25.43 16.53 -23.23
CA LEU B 48 24.42 17.10 -24.11
C LEU B 48 23.23 17.72 -23.35
N TYR B 49 22.83 17.08 -22.24
CA TYR B 49 21.73 17.61 -21.46
C TYR B 49 22.12 19.01 -20.97
N LEU B 50 23.40 19.14 -20.62
CA LEU B 50 23.85 20.41 -20.11
C LEU B 50 24.02 21.44 -21.22
N ARG B 51 24.24 20.97 -22.44
CA ARG B 51 24.46 21.89 -23.56
C ARG B 51 23.18 22.25 -24.29
N VAL B 52 22.27 21.31 -24.35
CA VAL B 52 21.03 21.57 -25.04
C VAL B 52 20.34 22.90 -24.63
N PRO B 53 20.37 23.26 -23.34
CA PRO B 53 19.69 24.53 -23.03
C PRO B 53 20.28 25.67 -23.80
N HIS B 54 21.53 25.53 -24.21
CA HIS B 54 22.15 26.60 -24.98
C HIS B 54 21.46 26.69 -26.34
N PHE B 55 21.17 25.53 -26.92
CA PHE B 55 20.45 25.53 -28.20
C PHE B 55 19.05 26.15 -28.07
N LEU B 56 18.36 25.81 -26.98
CA LEU B 56 17.00 26.29 -26.77
C LEU B 56 16.92 27.79 -26.56
N THR B 57 17.96 28.39 -26.01
CA THR B 57 17.90 29.83 -25.80
C THR B 57 18.58 30.67 -26.90
N GLU B 58 18.88 30.05 -28.02
CA GLU B 58 19.56 30.78 -29.09
C GLU B 58 18.86 32.07 -29.53
N TRP B 59 17.53 32.12 -29.39
CA TRP B 59 16.77 33.30 -29.82
C TRP B 59 16.78 34.46 -28.79
N THR B 60 17.42 34.24 -27.65
CA THR B 60 17.44 35.27 -26.62
C THR B 60 18.49 36.34 -26.83
N THR B 61 18.02 37.58 -26.99
CA THR B 61 18.89 38.72 -27.25
C THR B 61 19.70 39.24 -26.07
N ASP B 62 19.13 39.28 -24.86
CA ASP B 62 19.95 39.74 -23.77
C ASP B 62 20.78 38.59 -23.25
N PRO B 63 22.10 38.76 -23.27
CA PRO B 63 23.03 37.72 -22.80
C PRO B 63 22.90 37.29 -21.34
N ASP B 64 22.55 38.21 -20.46
CA ASP B 64 22.41 37.88 -19.04
C ASP B 64 21.14 37.05 -18.80
N ARG B 65 20.09 37.36 -19.53
CA ARG B 65 18.87 36.59 -19.40
C ARG B 65 19.15 35.22 -20.02
N ARG B 66 19.82 35.23 -21.18
CA ARG B 66 20.09 33.98 -21.84
C ARG B 66 20.78 33.02 -20.89
N ALA B 67 21.87 33.45 -20.28
CA ALA B 67 22.61 32.60 -19.36
C ALA B 67 21.74 32.12 -18.20
N ALA B 68 20.90 33.01 -17.69
CA ALA B 68 20.01 32.65 -16.57
C ALA B 68 18.95 31.59 -16.95
N VAL B 69 18.32 31.74 -18.11
CA VAL B 69 17.32 30.79 -18.55
C VAL B 69 18.00 29.44 -18.83
N SER B 70 19.14 29.52 -19.51
CA SER B 70 19.91 28.34 -19.87
C SER B 70 20.25 27.46 -18.66
N ARG B 71 20.71 28.06 -17.57
CA ARG B 71 21.06 27.24 -16.43
C ARG B 71 19.84 26.67 -15.70
N ALA B 72 18.74 27.42 -15.70
CA ALA B 72 17.51 26.94 -15.05
C ALA B 72 17.01 25.74 -15.84
N LEU B 73 17.05 25.82 -17.17
CA LEU B 73 16.58 24.68 -17.98
C LEU B 73 17.46 23.48 -17.67
N ALA B 74 18.77 23.73 -17.61
CA ALA B 74 19.73 22.67 -17.31
C ALA B 74 19.36 21.98 -16.01
N LEU B 75 18.99 22.79 -15.01
CA LEU B 75 18.57 22.24 -13.72
C LEU B 75 17.41 21.25 -13.81
N ASP B 76 16.36 21.61 -14.54
CA ASP B 76 15.21 20.70 -14.60
C ASP B 76 15.45 19.52 -15.52
N ILE B 77 16.17 19.74 -16.62
CA ILE B 77 16.44 18.63 -17.52
C ILE B 77 17.26 17.59 -16.75
N VAL B 78 18.24 18.04 -15.97
CA VAL B 78 19.04 17.05 -15.26
C VAL B 78 18.18 16.31 -14.24
N SER B 79 17.33 17.07 -13.57
CA SER B 79 16.41 16.53 -12.59
C SER B 79 15.60 15.38 -13.21
N MET B 80 15.04 15.61 -14.39
CA MET B 80 14.26 14.59 -15.06
C MET B 80 15.12 13.37 -15.43
N LYS B 81 16.38 13.61 -15.70
CA LYS B 81 17.28 12.55 -16.02
C LYS B 81 17.52 11.72 -14.76
N LEU B 82 17.64 12.40 -13.60
CA LEU B 82 17.85 11.63 -12.36
C LEU B 82 16.58 10.84 -12.04
N LEU B 83 15.42 11.41 -12.38
CA LEU B 83 14.16 10.70 -12.11
C LEU B 83 14.14 9.41 -12.95
N ASP B 84 14.61 9.54 -14.17
CA ASP B 84 14.69 8.44 -15.11
C ASP B 84 15.70 7.40 -14.53
N ASP B 85 16.86 7.85 -14.03
CA ASP B 85 17.83 6.90 -13.46
C ASP B 85 17.20 6.18 -12.30
N LEU B 86 16.38 6.90 -11.56
CA LEU B 86 15.71 6.31 -10.42
C LEU B 86 14.69 5.27 -10.82
N MET B 87 14.03 5.44 -11.96
CA MET B 87 13.04 4.44 -12.29
C MET B 87 13.68 3.18 -12.90
N ASP B 88 14.85 3.34 -13.50
CA ASP B 88 15.52 2.18 -14.05
C ASP B 88 16.29 1.50 -12.92
N ASP B 89 16.76 2.32 -11.97
CA ASP B 89 17.53 1.83 -10.84
C ASP B 89 18.64 0.85 -11.26
N ASP B 90 19.59 1.35 -12.04
CA ASP B 90 20.70 0.54 -12.49
C ASP B 90 21.95 1.38 -12.71
N THR B 91 22.02 2.53 -12.04
CA THR B 91 23.22 3.36 -12.19
C THR B 91 24.19 2.98 -11.07
N GLY B 92 23.68 2.28 -10.05
CA GLY B 92 24.51 1.95 -8.91
C GLY B 92 24.53 3.13 -7.94
N LEU B 93 23.89 4.24 -8.30
CA LEU B 93 23.88 5.40 -7.41
C LEU B 93 22.89 5.21 -6.26
N ASP B 94 23.07 5.95 -5.17
CA ASP B 94 22.18 5.83 -4.03
C ASP B 94 20.76 6.37 -4.37
N ARG B 95 19.75 5.54 -4.20
CA ARG B 95 18.38 5.92 -4.51
C ARG B 95 17.84 7.13 -3.72
N VAL B 96 18.26 7.24 -2.46
CA VAL B 96 17.79 8.34 -1.65
C VAL B 96 18.37 9.63 -2.23
N GLU B 97 19.68 9.61 -2.51
CA GLU B 97 20.30 10.79 -3.08
C GLU B 97 19.69 11.14 -4.44
N LEU B 98 19.44 10.14 -5.28
CA LEU B 98 18.86 10.42 -6.58
C LEU B 98 17.50 11.15 -6.45
N ALA B 99 16.64 10.58 -5.63
CA ALA B 99 15.32 11.11 -5.36
C ALA B 99 15.34 12.55 -4.81
N CYS B 100 16.11 12.73 -3.75
CA CYS B 100 16.17 14.01 -3.09
C CYS B 100 16.86 15.07 -3.94
N VAL B 101 17.87 14.67 -4.70
CA VAL B 101 18.55 15.66 -5.53
C VAL B 101 17.64 15.97 -6.71
N CYS B 102 17.00 14.96 -7.25
CA CYS B 102 16.06 15.16 -8.35
C CYS B 102 15.05 16.25 -7.91
N LEU B 103 14.40 16.03 -6.77
CA LEU B 103 13.43 17.03 -6.30
C LEU B 103 14.05 18.43 -6.09
N ARG B 104 15.21 18.50 -5.45
CA ARG B 104 15.81 19.79 -5.18
C ARG B 104 16.14 20.59 -6.40
N LEU B 105 16.72 19.93 -7.39
CA LEU B 105 17.08 20.63 -8.62
C LEU B 105 15.82 21.15 -9.31
N HIS B 106 14.81 20.30 -9.34
CA HIS B 106 13.56 20.62 -9.97
C HIS B 106 12.93 21.83 -9.33
N LEU B 107 12.91 21.86 -8.00
CA LEU B 107 12.29 22.99 -7.33
C LEU B 107 13.05 24.28 -7.58
N ARG B 108 14.37 24.17 -7.70
CA ARG B 108 15.22 25.31 -7.96
C ARG B 108 14.94 25.81 -9.38
N ALA B 109 14.77 24.89 -10.32
CA ALA B 109 14.49 25.34 -11.68
C ALA B 109 13.14 26.09 -11.77
N LEU B 110 12.12 25.60 -11.08
CA LEU B 110 10.80 26.21 -11.11
C LEU B 110 10.92 27.65 -10.66
N HIS B 111 11.67 27.83 -9.58
CA HIS B 111 11.87 29.15 -9.04
C HIS B 111 12.59 30.09 -9.98
N GLU B 112 13.66 29.59 -10.62
CA GLU B 112 14.45 30.44 -11.51
C GLU B 112 13.69 30.81 -12.77
N LEU B 113 13.03 29.80 -13.33
CA LEU B 113 12.22 29.96 -14.51
C LEU B 113 11.09 30.95 -14.24
N GLU B 114 10.40 30.77 -13.13
CA GLU B 114 9.29 31.67 -12.83
C GLU B 114 9.73 33.10 -12.65
N SER B 115 10.95 33.30 -12.15
CA SER B 115 11.48 34.64 -11.94
C SER B 115 11.82 35.30 -13.26
N LEU B 116 11.83 34.52 -14.34
CA LEU B 116 12.20 35.07 -15.63
C LEU B 116 11.04 35.10 -16.60
N ALA B 117 9.99 34.35 -16.29
CA ALA B 117 8.85 34.27 -17.20
C ALA B 117 8.12 35.59 -17.33
N ARG B 118 7.53 35.80 -18.50
CA ARG B 118 6.79 37.01 -18.80
C ARG B 118 5.52 36.99 -17.93
N ASP B 119 4.89 35.82 -17.89
CA ASP B 119 3.67 35.62 -17.12
C ASP B 119 3.90 34.61 -16.00
N PRO B 120 3.31 34.89 -14.81
CA PRO B 120 3.45 34.03 -13.63
C PRO B 120 2.98 32.61 -13.82
N LYS B 121 1.95 32.42 -14.61
CA LYS B 121 1.40 31.08 -14.81
C LYS B 121 2.00 30.32 -15.99
N ALA B 122 2.72 31.00 -16.86
CA ALA B 122 3.28 30.32 -18.04
C ALA B 122 4.13 29.08 -17.75
N VAL B 123 4.88 29.05 -16.66
CA VAL B 123 5.72 27.88 -16.38
C VAL B 123 4.87 26.64 -16.05
N THR B 124 3.96 26.77 -15.08
CA THR B 124 3.14 25.63 -14.74
C THR B 124 2.11 25.35 -15.84
N ASP B 125 1.74 26.36 -16.63
CA ASP B 125 0.80 26.07 -17.71
C ASP B 125 1.51 25.10 -18.64
N ILE B 126 2.72 25.48 -19.08
CA ILE B 126 3.49 24.65 -20.00
C ILE B 126 3.78 23.20 -19.48
N LEU B 127 4.22 23.07 -18.23
CA LEU B 127 4.51 21.77 -17.64
C LEU B 127 3.24 20.90 -17.51
N GLU B 128 2.10 21.55 -17.28
CA GLU B 128 0.83 20.79 -17.16
C GLU B 128 0.13 20.42 -18.48
N GLN B 129 0.13 21.35 -19.44
CA GLN B 129 -0.56 21.16 -20.75
C GLN B 129 -0.49 19.73 -21.33
N ASP B 130 0.72 19.19 -21.42
CA ASP B 130 0.84 17.88 -21.99
C ASP B 130 1.55 16.91 -21.05
N ALA B 131 1.34 17.13 -19.75
CA ALA B 131 1.89 16.30 -18.70
C ALA B 131 1.40 14.86 -18.85
N VAL B 132 0.14 14.70 -19.18
CA VAL B 132 -0.43 13.35 -19.33
C VAL B 132 0.18 12.65 -20.54
N HIS B 133 0.28 13.36 -21.65
CA HIS B 133 0.86 12.84 -22.87
C HIS B 133 2.30 12.37 -22.58
N LEU B 134 3.05 13.19 -21.85
CA LEU B 134 4.41 12.85 -21.49
C LEU B 134 4.50 11.64 -20.53
N CYS B 135 3.82 11.75 -19.39
CA CYS B 135 3.88 10.72 -18.36
C CYS B 135 3.28 9.38 -18.74
N GLY B 136 2.05 9.39 -19.26
CA GLY B 136 1.44 8.15 -19.71
C GLY B 136 2.22 7.69 -20.93
N GLY B 137 2.77 8.64 -21.68
CA GLY B 137 3.55 8.25 -22.83
C GLY B 137 4.72 7.35 -22.39
N GLN B 138 5.47 7.79 -21.39
CA GLN B 138 6.63 7.00 -20.91
C GLN B 138 6.14 5.66 -20.36
N ILE B 139 5.01 5.67 -19.68
CA ILE B 139 4.52 4.41 -19.15
C ILE B 139 4.27 3.41 -20.28
N ARG B 140 3.64 3.87 -21.35
CA ARG B 140 3.32 3.00 -22.46
C ARG B 140 4.56 2.57 -23.23
N THR B 141 5.56 3.43 -23.28
CA THR B 141 6.80 3.08 -23.96
C THR B 141 7.42 1.84 -23.31
N LYS B 142 7.39 1.79 -21.97
CA LYS B 142 8.00 0.68 -21.23
C LYS B 142 7.08 -0.53 -21.10
N ARG B 143 5.78 -0.30 -21.26
CA ARG B 143 4.74 -1.32 -21.17
C ARG B 143 4.65 -2.17 -22.45
N SER B 144 4.75 -1.52 -23.61
CA SER B 144 4.67 -2.18 -24.93
C SER B 144 5.87 -1.81 -25.84
N ARG B 145 6.95 -2.60 -25.81
CA ARG B 145 8.12 -2.32 -26.62
C ARG B 145 7.75 -2.29 -28.10
N ALA B 146 8.27 -1.29 -28.80
CA ALA B 146 7.97 -1.09 -30.22
C ALA B 146 8.51 -2.21 -31.10
N THR B 147 7.79 -2.52 -32.18
CA THR B 147 8.19 -3.60 -33.08
C THR B 147 8.41 -3.19 -34.54
N ASN B 148 8.26 -1.90 -34.83
CA ASN B 148 8.50 -1.40 -36.19
C ASN B 148 8.79 0.11 -36.12
N LEU B 149 9.25 0.70 -37.20
CA LEU B 149 9.58 2.10 -37.12
C LEU B 149 8.42 2.99 -36.64
N ARG B 150 7.22 2.72 -37.14
CA ARG B 150 6.03 3.48 -36.78
C ARG B 150 5.84 3.52 -35.25
N GLU B 151 5.89 2.36 -34.63
CA GLU B 151 5.71 2.28 -33.20
C GLU B 151 6.86 2.95 -32.48
N TRP B 152 8.06 2.77 -33.02
CA TRP B 152 9.24 3.36 -32.41
C TRP B 152 9.09 4.88 -32.39
N ARG B 153 8.65 5.43 -33.51
CA ARG B 153 8.49 6.86 -33.63
C ARG B 153 7.44 7.45 -32.68
N ALA B 154 6.29 6.79 -32.60
CA ALA B 154 5.19 7.22 -31.74
C ALA B 154 5.64 7.32 -30.28
N HIS B 155 6.39 6.32 -29.79
CA HIS B 155 6.88 6.33 -28.41
C HIS B 155 7.89 7.48 -28.25
N ALA B 156 8.87 7.52 -29.15
CA ALA B 156 9.91 8.51 -29.15
C ALA B 156 9.34 9.93 -29.18
N SER B 157 8.10 10.08 -29.66
CA SER B 157 7.53 11.42 -29.73
C SER B 157 7.10 11.91 -28.37
N THR B 158 6.96 11.01 -27.41
CA THR B 158 6.57 11.50 -26.11
C THR B 158 7.81 11.74 -25.22
N TYR B 159 8.58 10.69 -24.92
CA TYR B 159 9.75 10.90 -24.03
C TYR B 159 10.91 11.66 -24.66
N GLY B 160 10.90 11.80 -25.99
CA GLY B 160 11.93 12.58 -26.62
C GLY B 160 11.37 13.93 -27.03
N SER B 161 10.54 13.96 -28.08
CA SER B 161 9.98 15.21 -28.62
C SER B 161 9.20 16.10 -27.68
N THR B 162 8.15 15.54 -27.08
CA THR B 162 7.33 16.30 -26.13
C THR B 162 8.22 16.75 -24.97
N PHE B 163 9.01 15.81 -24.47
CA PHE B 163 9.92 16.11 -23.38
C PHE B 163 10.77 17.36 -23.66
N LEU B 164 11.46 17.39 -24.77
CA LEU B 164 12.27 18.56 -25.01
C LEU B 164 11.46 19.76 -25.49
N GLY B 165 10.34 19.48 -26.17
CA GLY B 165 9.49 20.55 -26.66
C GLY B 165 9.05 21.44 -25.51
N ARG B 166 8.77 20.82 -24.37
CA ARG B 166 8.35 21.58 -23.21
C ARG B 166 9.43 22.61 -22.82
N TYR B 167 10.69 22.17 -22.88
CA TYR B 167 11.79 23.07 -22.53
C TYR B 167 11.94 24.11 -23.64
N GLY B 168 11.58 23.76 -24.87
CA GLY B 168 11.63 24.77 -25.91
C GLY B 168 10.58 25.85 -25.55
N ALA B 169 9.36 25.45 -25.25
CA ALA B 169 8.31 26.43 -24.88
C ALA B 169 8.71 27.30 -23.67
N LEU B 170 9.37 26.69 -22.68
CA LEU B 170 9.80 27.45 -21.50
C LEU B 170 10.89 28.47 -21.91
N ALA B 171 11.83 28.03 -22.74
CA ALA B 171 12.86 28.95 -23.20
C ALA B 171 12.18 30.20 -23.82
N ALA B 172 11.17 30.00 -24.66
CA ALA B 172 10.49 31.15 -25.27
C ALA B 172 9.72 31.97 -24.25
N ALA B 173 9.11 31.29 -23.28
CA ALA B 173 8.32 31.96 -22.26
C ALA B 173 9.17 32.76 -21.32
N CYS B 174 10.42 32.34 -21.15
CA CYS B 174 11.32 33.02 -20.20
C CYS B 174 12.35 33.87 -20.91
N GLY B 175 12.41 33.75 -22.22
CA GLY B 175 13.40 34.50 -22.97
C GLY B 175 13.09 35.89 -23.47
N GLY B 176 12.25 36.64 -22.76
CA GLY B 176 11.96 37.99 -23.22
C GLY B 176 11.42 38.12 -24.63
N GLU B 177 11.62 39.27 -25.24
CA GLU B 177 11.06 39.53 -26.57
C GLU B 177 11.79 38.97 -27.79
N GLY B 178 11.05 38.82 -28.89
CA GLY B 178 11.61 38.29 -30.12
C GLY B 178 11.78 36.78 -30.08
N GLN B 179 10.85 36.10 -29.42
CA GLN B 179 10.92 34.65 -29.31
C GLN B 179 9.76 34.08 -30.11
N PRO B 180 10.03 33.33 -31.19
CA PRO B 180 8.94 32.74 -31.99
C PRO B 180 8.58 31.37 -31.41
N ALA B 181 7.86 31.44 -30.29
CA ALA B 181 7.41 30.31 -29.51
C ALA B 181 7.18 28.99 -30.24
N ASP B 182 6.28 28.97 -31.21
CA ASP B 182 6.02 27.73 -31.94
C ASP B 182 7.25 27.18 -32.63
N SER B 183 8.12 28.06 -33.08
CA SER B 183 9.31 27.62 -33.76
C SER B 183 10.37 27.10 -32.80
N VAL B 184 10.59 27.81 -31.70
CA VAL B 184 11.58 27.31 -30.76
C VAL B 184 11.14 25.90 -30.40
N ARG B 185 9.84 25.72 -30.18
CA ARG B 185 9.40 24.43 -29.80
C ARG B 185 9.45 23.41 -30.91
N GLU B 186 9.17 23.82 -32.13
CA GLU B 186 9.21 22.89 -33.24
C GLU B 186 10.66 22.42 -33.38
N PHE B 187 11.61 23.34 -33.26
CA PHE B 187 13.03 22.97 -33.34
C PHE B 187 13.34 21.92 -32.26
N ALA B 188 12.89 22.19 -31.04
CA ALA B 188 13.18 21.29 -29.95
C ALA B 188 12.67 19.90 -30.18
N GLU B 189 11.45 19.81 -30.69
CA GLU B 189 10.86 18.50 -30.88
C GLU B 189 11.51 17.71 -31.98
N ALA B 190 11.98 18.40 -33.01
CA ALA B 190 12.61 17.68 -34.09
C ALA B 190 14.03 17.24 -33.69
N PHE B 191 14.76 18.17 -33.08
CA PHE B 191 16.12 17.91 -32.66
C PHE B 191 16.11 16.79 -31.61
N ALA B 192 15.13 16.80 -30.71
CA ALA B 192 15.12 15.77 -29.68
C ALA B 192 14.97 14.42 -30.33
N MET B 193 14.18 14.34 -31.40
CA MET B 193 14.05 13.02 -31.95
C MET B 193 15.33 12.55 -32.59
N THR B 194 16.06 13.45 -33.23
CA THR B 194 17.31 13.07 -33.89
C THR B 194 18.24 12.53 -32.82
N ILE B 195 18.34 13.27 -31.71
CA ILE B 195 19.16 12.86 -30.59
C ILE B 195 18.71 11.52 -29.98
N THR B 196 17.40 11.30 -29.92
CA THR B 196 16.86 10.10 -29.35
C THR B 196 17.25 8.91 -30.21
N MET B 197 17.23 9.07 -31.53
CA MET B 197 17.63 7.96 -32.40
C MET B 197 19.12 7.67 -32.18
N ALA B 198 19.90 8.74 -32.07
CA ALA B 198 21.32 8.59 -31.89
C ALA B 198 21.57 7.85 -30.59
N ASP B 199 20.77 8.17 -29.58
CA ASP B 199 20.92 7.54 -28.30
C ASP B 199 20.68 6.05 -28.39
N ASP B 200 19.59 5.67 -29.06
CA ASP B 200 19.24 4.28 -29.25
C ASP B 200 20.34 3.50 -29.97
N LEU B 201 20.87 4.08 -31.04
CA LEU B 201 21.89 3.41 -31.81
C LEU B 201 23.26 3.36 -31.11
N THR B 202 23.41 4.12 -30.02
CA THR B 202 24.66 4.16 -29.26
C THR B 202 24.55 3.22 -28.08
N ASP B 203 23.41 3.29 -27.41
CA ASP B 203 23.16 2.50 -26.21
C ASP B 203 22.88 1.03 -26.46
N TYR B 204 22.73 0.67 -27.73
CA TYR B 204 22.54 -0.72 -28.07
C TYR B 204 23.81 -1.42 -27.53
N ASP B 205 24.98 -0.83 -27.78
CA ASP B 205 26.20 -1.44 -27.28
C ASP B 205 26.77 -0.87 -26.00
N ARG B 206 26.68 0.44 -25.81
CA ARG B 206 27.19 1.04 -24.58
C ARG B 206 26.40 0.46 -23.39
N ASN B 207 25.09 0.28 -23.58
CA ASN B 207 24.18 -0.25 -22.55
C ASN B 207 23.70 -1.71 -22.75
N GLY B 208 23.91 -2.27 -23.94
CA GLY B 208 23.43 -3.61 -24.18
C GLY B 208 21.92 -3.63 -24.25
N GLU B 209 21.33 -2.54 -24.75
CA GLU B 209 19.86 -2.43 -24.87
C GLU B 209 19.31 -3.22 -26.07
N ARG B 210 18.16 -3.86 -25.88
CA ARG B 210 17.55 -4.63 -26.95
C ARG B 210 16.06 -4.34 -27.18
N ASP B 211 15.19 -4.73 -26.24
CA ASP B 211 13.74 -4.51 -26.38
C ASP B 211 13.26 -3.07 -26.64
N GLY B 212 12.66 -2.87 -27.81
CA GLY B 212 12.17 -1.56 -28.21
C GLY B 212 13.26 -0.65 -28.74
N ASN B 213 14.50 -1.14 -28.74
CA ASN B 213 15.66 -0.39 -29.21
C ASN B 213 15.71 -0.38 -30.72
N LEU B 214 15.81 0.82 -31.30
CA LEU B 214 15.83 0.98 -32.76
C LEU B 214 16.96 0.20 -33.48
N ALA B 215 18.15 0.11 -32.87
CA ALA B 215 19.30 -0.59 -33.48
C ALA B 215 18.98 -2.08 -33.53
N HIS B 216 18.39 -2.55 -32.45
CA HIS B 216 18.01 -3.93 -32.39
C HIS B 216 16.96 -4.22 -33.48
N LEU B 217 15.92 -3.38 -33.55
CA LEU B 217 14.90 -3.55 -34.58
C LEU B 217 15.55 -3.56 -35.96
N MET B 218 16.58 -2.74 -36.13
CA MET B 218 17.24 -2.70 -37.42
C MET B 218 18.00 -3.99 -37.70
N ARG B 219 18.81 -4.39 -36.75
CA ARG B 219 19.61 -5.59 -36.92
C ARG B 219 18.71 -6.81 -37.10
N THR B 220 17.56 -6.74 -36.46
CA THR B 220 16.56 -7.79 -36.46
C THR B 220 15.80 -7.90 -37.77
N GLY B 221 15.87 -6.86 -38.60
CA GLY B 221 15.13 -6.88 -39.85
C GLY B 221 13.78 -6.16 -39.76
N ALA B 222 13.31 -5.88 -38.55
CA ALA B 222 12.01 -5.22 -38.36
C ALA B 222 11.93 -3.77 -38.86
N VAL B 223 13.06 -3.17 -39.19
CA VAL B 223 13.06 -1.78 -39.64
C VAL B 223 14.14 -1.66 -40.69
N ALA B 224 13.78 -1.00 -41.79
CA ALA B 224 14.69 -0.85 -42.93
C ALA B 224 15.56 0.40 -42.86
N GLY B 225 16.85 0.23 -43.11
CA GLY B 225 17.77 1.35 -43.06
C GLY B 225 17.26 2.58 -43.80
N GLN B 226 16.80 2.41 -45.03
CA GLN B 226 16.33 3.54 -45.82
C GLN B 226 15.26 4.34 -45.11
N ASP B 227 14.39 3.64 -44.36
CA ASP B 227 13.34 4.32 -43.61
C ASP B 227 13.93 5.17 -42.49
N VAL B 228 15.03 4.69 -41.88
CA VAL B 228 15.67 5.45 -40.81
C VAL B 228 16.30 6.70 -41.42
N VAL B 229 16.94 6.51 -42.57
CA VAL B 229 17.57 7.63 -43.29
C VAL B 229 16.49 8.69 -43.61
N ASP B 230 15.34 8.25 -44.12
CA ASP B 230 14.27 9.17 -44.47
C ASP B 230 13.78 9.94 -43.25
N LEU B 231 13.58 9.23 -42.14
CA LEU B 231 13.14 9.89 -40.92
C LEU B 231 14.15 10.97 -40.49
N LEU B 232 15.44 10.65 -40.54
CA LEU B 232 16.50 11.62 -40.16
C LEU B 232 16.44 12.88 -41.04
N GLU B 233 16.29 12.68 -42.35
CA GLU B 233 16.21 13.80 -43.30
C GLU B 233 14.97 14.63 -43.00
N GLU B 234 13.86 13.98 -42.69
CA GLU B 234 12.65 14.71 -42.37
C GLU B 234 12.89 15.59 -41.12
N LEU B 235 13.49 14.98 -40.10
CA LEU B 235 13.80 15.68 -38.84
C LEU B 235 14.79 16.83 -39.08
N ARG B 236 15.78 16.61 -39.95
CA ARG B 236 16.75 17.66 -40.26
C ARG B 236 15.95 18.82 -40.89
N GLY B 237 15.09 18.47 -41.85
CA GLY B 237 14.28 19.47 -42.53
C GLY B 237 13.38 20.22 -41.57
N ARG B 238 12.71 19.52 -40.64
CA ARG B 238 11.83 20.22 -39.69
C ARG B 238 12.65 21.17 -38.82
N ALA B 239 13.82 20.73 -38.36
CA ALA B 239 14.62 21.59 -37.51
C ALA B 239 15.12 22.84 -38.31
N LEU B 240 15.60 22.61 -39.52
CA LEU B 240 16.04 23.72 -40.32
C LEU B 240 14.91 24.74 -40.58
N ALA B 241 13.68 24.27 -40.83
CA ALA B 241 12.60 25.23 -41.07
C ALA B 241 12.34 26.04 -39.82
N ALA B 242 12.40 25.39 -38.66
CA ALA B 242 12.12 26.09 -37.40
C ALA B 242 13.11 27.20 -37.11
N VAL B 243 14.37 26.95 -37.39
CA VAL B 243 15.37 27.96 -37.12
C VAL B 243 15.43 29.04 -38.18
N ALA B 244 14.77 28.83 -39.31
CA ALA B 244 14.70 29.86 -40.36
C ALA B 244 13.52 30.79 -40.12
N ALA B 245 12.61 30.46 -39.21
CA ALA B 245 11.48 31.36 -39.00
C ALA B 245 11.94 32.70 -38.44
N PRO B 246 11.38 33.81 -38.94
CA PRO B 246 11.81 35.12 -38.39
C PRO B 246 11.44 35.25 -36.93
N PRO B 247 12.29 35.88 -36.11
CA PRO B 247 13.59 36.49 -36.37
C PRO B 247 14.76 35.54 -36.70
N GLY B 248 14.58 34.23 -36.60
CA GLY B 248 15.65 33.31 -36.96
C GLY B 248 16.77 33.02 -35.96
N ALA B 249 17.37 31.85 -36.10
CA ALA B 249 18.48 31.46 -35.22
C ALA B 249 19.40 30.66 -36.16
N PRO B 250 20.03 31.37 -37.13
CA PRO B 250 20.92 30.75 -38.12
C PRO B 250 22.07 29.99 -37.47
N GLY B 251 22.45 30.44 -36.27
CA GLY B 251 23.54 29.76 -35.55
C GLY B 251 23.25 28.29 -35.30
N LEU B 252 21.98 27.92 -35.24
CA LEU B 252 21.59 26.55 -35.00
C LEU B 252 21.72 25.65 -36.24
N VAL B 253 21.81 26.24 -37.43
CA VAL B 253 21.93 25.45 -38.66
C VAL B 253 23.10 24.43 -38.66
N PRO B 254 24.32 24.88 -38.38
CA PRO B 254 25.37 23.86 -38.39
C PRO B 254 25.19 22.83 -37.27
N VAL B 255 24.50 23.22 -36.21
CA VAL B 255 24.29 22.27 -35.13
C VAL B 255 23.36 21.18 -35.59
N VAL B 256 22.32 21.55 -36.33
CA VAL B 256 21.36 20.60 -36.86
C VAL B 256 22.08 19.60 -37.79
N HIS B 257 22.86 20.10 -38.74
CA HIS B 257 23.55 19.20 -39.65
C HIS B 257 24.55 18.30 -38.92
N LEU B 258 25.23 18.88 -37.94
CA LEU B 258 26.21 18.15 -37.18
C LEU B 258 25.62 16.88 -36.57
N TYR B 259 24.49 17.03 -35.86
CA TYR B 259 23.92 15.85 -35.24
C TYR B 259 23.29 14.89 -36.21
N THR B 260 22.60 15.41 -37.22
CA THR B 260 21.97 14.51 -38.18
C THR B 260 23.05 13.71 -38.91
N ASP B 261 24.04 14.41 -39.44
CA ASP B 261 25.15 13.78 -40.16
C ASP B 261 25.89 12.76 -39.31
N ASP B 262 26.08 13.06 -38.02
CA ASP B 262 26.77 12.11 -37.18
C ASP B 262 26.01 10.80 -37.13
N VAL B 263 24.69 10.88 -37.04
CA VAL B 263 23.92 9.64 -36.98
C VAL B 263 24.05 8.88 -38.32
N LEU B 264 23.93 9.61 -39.42
CA LEU B 264 24.02 9.02 -40.77
C LEU B 264 25.41 8.41 -41.10
N VAL B 265 26.47 9.12 -40.75
CA VAL B 265 27.80 8.66 -41.06
C VAL B 265 28.43 7.73 -40.03
N ARG B 266 28.25 8.02 -38.75
CA ARG B 266 28.90 7.22 -37.71
C ARG B 266 28.10 6.09 -37.14
N LEU B 267 26.87 6.36 -36.71
CA LEU B 267 26.05 5.33 -36.08
C LEU B 267 25.30 4.35 -36.97
N LEU B 268 24.63 4.84 -38.01
CA LEU B 268 23.83 3.97 -38.86
C LEU B 268 24.60 2.79 -39.39
N PRO B 269 25.78 3.03 -39.94
CA PRO B 269 26.54 1.89 -40.48
C PRO B 269 26.83 0.77 -39.46
N ARG B 270 26.85 1.07 -38.18
CA ARG B 270 27.16 0.01 -37.24
C ARG B 270 26.05 -1.00 -37.21
N HIS B 271 24.89 -0.65 -37.76
CA HIS B 271 23.78 -1.57 -37.66
C HIS B 271 23.24 -2.05 -39.01
N LEU B 272 23.98 -1.74 -40.08
CA LEU B 272 23.60 -2.12 -41.43
C LEU B 272 24.60 -3.03 -42.12
N GLY B 273 25.88 -2.67 -42.07
CA GLY B 273 26.88 -3.50 -42.73
C GLY B 273 27.06 -3.16 -44.21
N GLU B 274 27.38 -4.16 -45.04
CA GLU B 274 27.60 -3.96 -46.48
C GLU B 274 26.58 -3.02 -47.13
N ALA B 275 26.97 -1.75 -47.24
CA ALA B 275 26.16 -0.67 -47.83
C ALA B 275 24.63 -0.79 -47.71
N GLY B 276 24.09 -0.65 -46.49
CA GLY B 276 22.66 -0.74 -46.29
C GLY B 276 21.95 0.53 -46.73
N ALA B 277 22.52 1.17 -47.74
CA ALA B 277 21.99 2.40 -48.32
C ALA B 277 20.75 2.14 -49.16
N GLY B 278 19.71 1.54 -48.60
CA GLY B 278 18.54 1.28 -49.43
C GLY B 278 18.91 0.38 -50.61
N ALA B 279 18.47 0.74 -51.82
CA ALA B 279 18.74 -0.08 -53.01
C ALA B 279 20.13 0.07 -53.67
N MET B 280 20.67 -1.08 -54.10
CA MET B 280 21.97 -1.14 -54.77
C MET B 280 21.97 -0.21 -56.01
N ALA B 281 22.93 0.72 -56.04
CA ALA B 281 23.05 1.66 -57.15
C ALA B 281 23.41 0.97 -58.48
N THR B 282 22.90 1.49 -59.58
CA THR B 282 23.17 0.91 -60.91
C THR B 282 23.70 1.88 -61.96
N VAL B 283 24.07 1.32 -63.11
CA VAL B 283 24.58 2.06 -64.25
C VAL B 283 23.79 1.65 -65.49
N LYS B 284 23.09 2.59 -66.09
CA LYS B 284 22.31 2.29 -67.28
C LYS B 284 23.05 2.75 -68.54
N PHE B 285 22.99 1.95 -69.60
CA PHE B 285 23.64 2.32 -70.86
C PHE B 285 23.25 1.37 -71.99
N LYS B 286 23.47 1.80 -73.23
CA LYS B 286 23.15 0.97 -74.39
C LYS B 286 24.48 0.49 -74.96
N TYR B 287 24.70 -0.83 -74.90
CA TYR B 287 25.94 -1.45 -75.37
C TYR B 287 25.67 -2.50 -76.43
N LYS B 288 26.28 -2.34 -77.60
CA LYS B 288 26.09 -3.28 -78.69
C LYS B 288 24.61 -3.39 -79.04
N GLY B 289 23.90 -2.26 -78.97
CA GLY B 289 22.48 -2.24 -79.29
C GLY B 289 21.55 -2.62 -78.16
N GLU B 290 22.09 -3.27 -77.14
CA GLU B 290 21.32 -3.73 -75.97
C GLU B 290 21.04 -2.65 -74.92
N GLU B 291 20.04 -2.90 -74.09
CA GLU B 291 19.71 -2.00 -72.98
C GLU B 291 20.36 -2.69 -71.80
N LYS B 292 21.28 -2.01 -71.12
CA LYS B 292 21.96 -2.66 -70.01
C LYS B 292 21.96 -1.80 -68.73
N GLU B 293 22.01 -2.49 -67.60
CA GLU B 293 22.02 -1.85 -66.30
C GLU B 293 22.90 -2.79 -65.51
N VAL B 294 23.88 -2.24 -64.80
CA VAL B 294 24.76 -3.07 -64.00
C VAL B 294 24.80 -2.52 -62.58
N ASP B 295 25.00 -3.42 -61.62
CA ASP B 295 25.07 -3.02 -60.21
C ASP B 295 26.48 -2.52 -60.02
N ILE B 296 26.62 -1.39 -59.33
CA ILE B 296 27.93 -0.83 -59.12
C ILE B 296 28.87 -1.91 -58.58
N SER B 297 28.30 -2.87 -57.84
CA SER B 297 29.11 -3.95 -57.25
C SER B 297 29.81 -4.86 -58.28
N LYS B 298 29.27 -4.96 -59.49
CA LYS B 298 29.90 -5.78 -60.52
C LYS B 298 31.00 -5.01 -61.28
N ILE B 299 30.97 -3.68 -61.19
CA ILE B 299 31.95 -2.83 -61.88
C ILE B 299 33.39 -2.97 -61.41
N LYS B 300 34.24 -3.34 -62.35
CA LYS B 300 35.68 -3.54 -62.14
C LYS B 300 36.49 -2.24 -62.29
N LYS B 301 36.88 -1.86 -63.50
CA LYS B 301 37.64 -0.62 -63.64
C LYS B 301 36.82 0.55 -64.21
N VAL B 302 37.28 1.76 -63.93
CA VAL B 302 36.60 2.97 -64.44
C VAL B 302 37.56 4.15 -64.63
N TRP B 303 37.48 4.78 -65.80
CA TRP B 303 38.34 5.91 -66.12
C TRP B 303 37.63 6.94 -66.97
N ARG B 304 38.16 8.16 -66.96
CA ARG B 304 37.56 9.26 -67.67
C ARG B 304 38.23 9.57 -69.00
N VAL B 305 37.43 10.00 -69.98
CA VAL B 305 37.93 10.41 -71.29
C VAL B 305 37.02 11.61 -71.63
N GLY B 306 37.54 12.81 -71.37
CA GLY B 306 36.75 14.00 -71.61
C GLY B 306 35.57 13.99 -70.63
N LYS B 307 34.34 14.05 -71.13
CA LYS B 307 33.17 14.01 -70.25
C LYS B 307 32.52 12.64 -70.19
N MET B 308 33.14 11.68 -70.89
CA MET B 308 32.65 10.29 -70.92
C MET B 308 33.34 9.52 -69.81
N ILE B 309 32.64 8.51 -69.30
CA ILE B 309 33.15 7.66 -68.25
C ILE B 309 33.16 6.29 -68.86
N SER B 310 34.35 5.71 -69.01
CA SER B 310 34.50 4.40 -69.60
C SER B 310 34.78 3.38 -68.50
N PHE B 311 34.23 2.18 -68.65
CA PHE B 311 34.37 1.17 -67.60
C PHE B 311 34.17 -0.26 -68.06
N THR B 312 34.58 -1.15 -67.17
CA THR B 312 34.45 -2.57 -67.38
C THR B 312 33.70 -3.18 -66.19
N TYR B 313 33.23 -4.40 -66.35
CA TYR B 313 32.51 -5.07 -65.26
C TYR B 313 32.45 -6.58 -65.44
N ASP B 314 31.90 -7.27 -64.45
CA ASP B 314 31.76 -8.72 -64.51
C ASP B 314 30.36 -9.15 -64.96
N GLU B 315 30.30 -9.96 -66.02
CA GLU B 315 29.03 -10.45 -66.57
C GLU B 315 28.60 -11.85 -66.07
N GLY B 316 29.55 -12.65 -65.59
CA GLY B 316 29.22 -13.99 -65.11
C GLY B 316 30.24 -15.04 -65.53
N GLY B 317 31.22 -15.27 -64.66
CA GLY B 317 32.27 -16.22 -64.96
C GLY B 317 33.51 -15.39 -65.23
N GLY B 318 34.41 -15.89 -66.07
CA GLY B 318 35.59 -15.11 -66.39
C GLY B 318 35.23 -14.04 -67.40
N LYS B 319 33.92 -13.88 -67.62
CA LYS B 319 33.35 -12.91 -68.58
C LYS B 319 33.52 -11.44 -68.15
N THR B 320 34.02 -10.60 -69.04
CA THR B 320 34.20 -9.18 -68.72
C THR B 320 33.43 -8.21 -69.63
N GLY B 321 32.49 -7.50 -69.03
CA GLY B 321 31.68 -6.54 -69.78
C GLY B 321 32.38 -5.21 -70.06
N ARG B 322 31.87 -4.47 -71.04
CA ARG B 322 32.46 -3.20 -71.43
C ARG B 322 31.40 -2.13 -71.64
N GLY B 323 31.68 -0.90 -71.24
CA GLY B 323 30.71 0.17 -71.44
C GLY B 323 31.26 1.56 -71.15
N ALA B 324 30.56 2.58 -71.64
CA ALA B 324 30.93 3.97 -71.44
C ALA B 324 29.66 4.84 -71.37
N VAL B 325 29.63 5.79 -70.45
CA VAL B 325 28.48 6.69 -70.33
C VAL B 325 28.91 8.12 -70.06
N SER B 326 28.04 9.07 -70.42
CA SER B 326 28.29 10.48 -70.16
C SER B 326 28.29 10.65 -68.64
N GLU B 327 29.20 11.45 -68.11
CA GLU B 327 29.25 11.66 -66.66
C GLU B 327 27.94 12.22 -66.14
N LYS B 328 27.16 12.82 -67.03
CA LYS B 328 25.87 13.39 -66.67
C LYS B 328 24.87 12.27 -66.36
N ASP B 329 25.18 11.06 -66.80
CA ASP B 329 24.32 9.91 -66.56
C ASP B 329 25.01 8.90 -65.68
N ALA B 330 26.16 9.25 -65.12
CA ALA B 330 26.84 8.31 -64.25
C ALA B 330 26.37 8.55 -62.81
N PRO B 331 25.98 7.45 -62.13
CA PRO B 331 25.51 7.53 -60.75
C PRO B 331 26.66 7.95 -59.85
N LYS B 332 26.36 8.61 -58.72
CA LYS B 332 27.41 9.07 -57.82
C LYS B 332 28.44 7.98 -57.49
N GLU B 333 27.94 6.78 -57.18
CA GLU B 333 28.80 5.66 -56.83
C GLU B 333 29.88 5.40 -57.89
N LEU B 334 29.49 5.47 -59.16
CA LEU B 334 30.43 5.24 -60.24
C LEU B 334 31.49 6.32 -60.24
N LEU B 335 31.04 7.56 -60.14
CA LEU B 335 31.96 8.69 -60.14
C LEU B 335 32.95 8.63 -58.98
N GLN B 336 32.55 8.04 -57.86
CA GLN B 336 33.44 7.94 -56.72
C GLN B 336 34.54 6.93 -57.01
N MET B 337 34.18 5.84 -57.70
CA MET B 337 35.16 4.83 -58.04
C MET B 337 36.21 5.45 -58.95
N LEU B 338 35.82 6.48 -59.70
CA LEU B 338 36.74 7.20 -60.60
C LEU B 338 37.88 7.77 -59.79
N GLU B 339 37.52 8.58 -58.78
CA GLU B 339 38.51 9.19 -57.90
C GLU B 339 39.23 8.11 -57.10
N LYS B 340 38.49 7.11 -56.61
CA LYS B 340 39.11 6.03 -55.85
C LYS B 340 39.98 5.12 -56.72
N GLN B 341 40.15 5.46 -58.00
CA GLN B 341 40.97 4.66 -58.94
C GLN B 341 42.01 5.44 -59.74
N ASP C 11 -31.83 14.49 0.00
CA ASP C 11 -31.40 14.03 1.35
C ASP C 11 -32.38 14.39 2.48
N ASP C 12 -33.21 13.42 2.83
CA ASP C 12 -34.16 13.62 3.92
C ASP C 12 -33.34 13.73 5.19
N ASP C 13 -33.83 14.48 6.15
CA ASP C 13 -33.08 14.62 7.39
C ASP C 13 -33.28 13.44 8.32
N LYS C 14 -34.45 12.81 8.26
CA LYS C 14 -34.74 11.64 9.10
C LYS C 14 -33.77 10.52 8.67
N MET C 15 -33.53 10.45 7.37
CA MET C 15 -32.62 9.48 6.82
C MET C 15 -31.16 9.81 7.24
N LEU C 16 -30.76 11.07 7.10
CA LEU C 16 -29.41 11.48 7.47
C LEU C 16 -29.17 11.33 8.95
N ALA C 17 -30.23 11.49 9.72
CA ALA C 17 -30.13 11.38 11.16
C ALA C 17 -29.90 9.89 11.51
N ALA C 18 -30.58 9.02 10.77
CA ALA C 18 -30.47 7.57 10.94
C ALA C 18 -29.03 7.16 10.57
N GLU C 19 -28.56 7.67 9.44
CA GLU C 19 -27.22 7.40 9.00
C GLU C 19 -26.20 7.89 10.05
N ALA C 20 -26.42 9.08 10.64
CA ALA C 20 -25.50 9.62 11.66
C ALA C 20 -25.60 8.78 12.93
N ALA C 21 -26.83 8.35 13.25
CA ALA C 21 -27.00 7.53 14.44
C ALA C 21 -26.25 6.19 14.26
N ASN C 22 -26.39 5.59 13.08
CA ASN C 22 -25.73 4.34 12.82
C ASN C 22 -24.22 4.54 12.82
N ARG C 23 -23.77 5.66 12.25
CA ARG C 23 -22.34 5.97 12.22
C ARG C 23 -21.79 6.05 13.64
N ASP C 24 -22.48 6.81 14.49
CA ASP C 24 -22.09 6.99 15.90
C ASP C 24 -22.04 5.62 16.63
N HIS C 25 -23.03 4.76 16.41
CA HIS C 25 -23.02 3.44 17.08
C HIS C 25 -21.84 2.58 16.56
N VAL C 26 -21.56 2.62 15.26
CA VAL C 26 -20.48 1.82 14.71
C VAL C 26 -19.11 2.31 15.16
N THR C 27 -18.85 3.61 15.02
CA THR C 27 -17.55 4.15 15.39
C THR C 27 -17.23 4.03 16.86
N ARG C 28 -18.21 4.13 17.73
CA ARG C 28 -17.90 3.99 19.15
C ARG C 28 -17.45 2.54 19.47
N CYS C 29 -18.13 1.60 18.83
CA CYS C 29 -17.84 0.20 19.01
C CYS C 29 -16.43 -0.10 18.46
N VAL C 30 -16.04 0.60 17.40
CA VAL C 30 -14.70 0.42 16.84
C VAL C 30 -13.65 1.02 17.83
N ALA C 31 -13.85 2.26 18.27
CA ALA C 31 -12.91 2.88 19.22
C ALA C 31 -12.83 2.04 20.53
N GLN C 32 -13.98 1.61 21.00
CA GLN C 32 -14.09 0.79 22.20
C GLN C 32 -13.17 -0.48 22.09
N THR C 33 -13.16 -1.12 20.92
CA THR C 33 -12.34 -2.29 20.69
C THR C 33 -10.85 -1.98 20.57
N GLY C 34 -10.51 -0.70 20.41
CA GLY C 34 -9.10 -0.36 20.28
C GLY C 34 -8.73 0.08 18.87
N GLY C 35 -9.75 0.34 18.05
CA GLY C 35 -9.53 0.74 16.68
C GLY C 35 -8.78 2.02 16.54
N SER C 36 -7.98 2.12 15.48
CA SER C 36 -7.22 3.30 15.24
C SER C 36 -8.07 4.45 14.66
N PRO C 37 -7.51 5.67 14.66
CA PRO C 37 -8.19 6.85 14.11
C PRO C 37 -8.45 6.56 12.61
N ASP C 38 -7.56 5.81 11.96
CA ASP C 38 -7.80 5.52 10.54
C ASP C 38 -8.93 4.53 10.38
N LEU C 39 -8.99 3.54 11.25
CA LEU C 39 -10.05 2.56 11.12
C LEU C 39 -11.37 3.26 11.41
N VAL C 40 -11.40 4.09 12.45
CA VAL C 40 -12.62 4.83 12.77
C VAL C 40 -13.05 5.66 11.55
N ALA C 41 -12.15 6.43 10.95
CA ALA C 41 -12.53 7.23 9.78
C ALA C 41 -12.98 6.34 8.67
N HIS C 42 -12.31 5.19 8.48
CA HIS C 42 -12.69 4.24 7.42
C HIS C 42 -14.11 3.73 7.63
N THR C 43 -14.46 3.33 8.85
CA THR C 43 -15.84 2.83 9.00
C THR C 43 -16.86 3.98 8.91
N ALA C 44 -16.52 5.17 9.42
CA ALA C 44 -17.42 6.31 9.37
C ALA C 44 -17.74 6.72 7.94
N ALA C 45 -16.80 6.43 7.05
CA ALA C 45 -16.92 6.81 5.65
C ALA C 45 -17.81 5.89 4.86
N LEU C 46 -18.25 4.78 5.44
CA LEU C 46 -19.08 3.85 4.65
C LEU C 46 -20.57 4.30 4.61
N ARG C 47 -20.81 5.48 4.02
CA ARG C 47 -22.16 6.05 3.96
C ARG C 47 -23.30 5.15 3.57
N LEU C 48 -23.17 4.49 2.43
CA LEU C 48 -24.23 3.60 1.97
C LEU C 48 -24.46 2.44 2.91
N TYR C 49 -23.38 1.85 3.41
CA TYR C 49 -23.47 0.75 4.34
C TYR C 49 -24.14 1.19 5.64
N LEU C 50 -23.88 2.42 6.06
CA LEU C 50 -24.46 2.93 7.29
C LEU C 50 -25.89 3.37 7.08
N ARG C 51 -26.16 3.84 5.88
CA ARG C 51 -27.48 4.34 5.55
C ARG C 51 -28.49 3.27 5.14
N VAL C 52 -28.06 2.25 4.43
CA VAL C 52 -29.04 1.28 3.96
C VAL C 52 -29.97 0.61 4.99
N PRO C 53 -29.50 0.41 6.25
CA PRO C 53 -30.37 -0.22 7.25
C PRO C 53 -31.64 0.60 7.51
N HIS C 54 -31.54 1.90 7.31
CA HIS C 54 -32.69 2.79 7.50
C HIS C 54 -33.72 2.38 6.44
N PHE C 55 -33.27 2.10 5.22
CA PHE C 55 -34.21 1.69 4.22
C PHE C 55 -34.82 0.33 4.53
N LEU C 56 -33.99 -0.60 5.03
CA LEU C 56 -34.47 -1.97 5.32
C LEU C 56 -35.47 -2.04 6.46
N THR C 57 -35.43 -1.04 7.34
CA THR C 57 -36.31 -1.01 8.46
C THR C 57 -37.48 -0.06 8.27
N GLU C 58 -37.76 0.36 7.04
CA GLU C 58 -38.89 1.26 6.80
C GLU C 58 -40.28 0.69 7.25
N TRP C 59 -40.39 -0.62 7.35
CA TRP C 59 -41.62 -1.31 7.75
C TRP C 59 -41.81 -1.38 9.26
N THR C 60 -40.82 -1.00 10.04
CA THR C 60 -40.96 -1.09 11.49
C THR C 60 -41.61 0.17 12.00
N THR C 61 -42.77 0.02 12.64
CA THR C 61 -43.54 1.18 13.10
C THR C 61 -43.13 1.79 14.41
N ASP C 62 -42.56 1.00 15.30
CA ASP C 62 -42.12 1.60 16.54
C ASP C 62 -40.75 2.25 16.34
N PRO C 63 -40.63 3.57 16.56
CA PRO C 63 -39.36 4.30 16.40
C PRO C 63 -38.13 3.78 17.16
N ASP C 64 -38.31 3.30 18.39
CA ASP C 64 -37.17 2.77 19.12
C ASP C 64 -36.74 1.39 18.62
N ARG C 65 -37.69 0.52 18.31
CA ARG C 65 -37.32 -0.77 17.78
C ARG C 65 -36.60 -0.49 16.46
N ARG C 66 -37.19 0.38 15.64
CA ARG C 66 -36.61 0.73 14.36
C ARG C 66 -35.15 1.19 14.47
N ALA C 67 -34.88 2.11 15.39
CA ALA C 67 -33.55 2.63 15.56
C ALA C 67 -32.63 1.51 16.01
N ALA C 68 -33.12 0.65 16.89
CA ALA C 68 -32.28 -0.43 17.41
C ALA C 68 -31.92 -1.42 16.32
N VAL C 69 -32.89 -1.81 15.50
CA VAL C 69 -32.65 -2.76 14.42
C VAL C 69 -31.73 -2.17 13.36
N SER C 70 -31.92 -0.88 13.09
CA SER C 70 -31.11 -0.21 12.08
C SER C 70 -29.62 -0.17 12.52
N ARG C 71 -29.33 0.18 13.76
CA ARG C 71 -27.94 0.22 14.13
C ARG C 71 -27.35 -1.19 14.30
N ALA C 72 -28.18 -2.17 14.62
CA ALA C 72 -27.74 -3.55 14.78
C ALA C 72 -27.31 -4.09 13.40
N LEU C 73 -28.11 -3.79 12.40
CA LEU C 73 -27.80 -4.23 11.04
C LEU C 73 -26.51 -3.55 10.57
N ALA C 74 -26.39 -2.26 10.88
CA ALA C 74 -25.23 -1.50 10.46
C ALA C 74 -23.94 -2.13 11.05
N LEU C 75 -23.96 -2.57 12.31
CA LEU C 75 -22.78 -3.19 12.88
C LEU C 75 -22.33 -4.38 12.02
N ASP C 76 -23.26 -5.29 11.68
CA ASP C 76 -22.88 -6.44 10.91
C ASP C 76 -22.52 -6.15 9.46
N ILE C 77 -23.26 -5.27 8.82
CA ILE C 77 -22.95 -4.94 7.43
C ILE C 77 -21.52 -4.33 7.36
N VAL C 78 -21.23 -3.36 8.24
CA VAL C 78 -19.91 -2.78 8.28
C VAL C 78 -18.89 -3.90 8.57
N SER C 79 -19.24 -4.78 9.51
CA SER C 79 -18.36 -5.88 9.89
C SER C 79 -17.97 -6.67 8.66
N MET C 80 -18.96 -7.00 7.83
CA MET C 80 -18.72 -7.77 6.60
C MET C 80 -17.92 -6.95 5.60
N LYS C 81 -18.10 -5.63 5.60
CA LYS C 81 -17.32 -4.80 4.70
C LYS C 81 -15.84 -4.89 5.13
N LEU C 82 -15.62 -4.88 6.44
CA LEU C 82 -14.27 -5.01 6.96
C LEU C 82 -13.70 -6.40 6.56
N LEU C 83 -14.51 -7.46 6.59
CA LEU C 83 -14.01 -8.79 6.19
C LEU C 83 -13.61 -8.70 4.72
N ASP C 84 -14.43 -8.04 3.92
CA ASP C 84 -14.08 -7.87 2.51
C ASP C 84 -12.77 -7.12 2.32
N ASP C 85 -12.51 -6.08 3.13
CA ASP C 85 -11.26 -5.31 3.03
C ASP C 85 -10.04 -6.17 3.34
N LEU C 86 -10.26 -7.13 4.20
CA LEU C 86 -9.26 -8.08 4.63
C LEU C 86 -8.95 -9.07 3.49
N MET C 87 -9.95 -9.44 2.70
CA MET C 87 -9.70 -10.35 1.56
C MET C 87 -8.82 -9.62 0.57
N ASP C 88 -9.21 -8.40 0.25
CA ASP C 88 -8.50 -7.58 -0.72
C ASP C 88 -7.13 -7.16 -0.20
N ASP C 89 -7.04 -6.86 1.10
CA ASP C 89 -5.77 -6.49 1.71
C ASP C 89 -5.13 -5.26 1.03
N ASP C 90 -5.95 -4.31 0.61
CA ASP C 90 -5.43 -3.13 -0.08
C ASP C 90 -5.91 -1.81 0.52
N THR C 91 -6.33 -1.82 1.79
CA THR C 91 -6.84 -0.59 2.37
C THR C 91 -5.76 0.22 3.05
N GLY C 92 -4.66 -0.42 3.38
CA GLY C 92 -3.60 0.27 4.05
C GLY C 92 -3.76 0.09 5.54
N LEU C 93 -4.91 -0.41 5.97
CA LEU C 93 -5.14 -0.63 7.38
C LEU C 93 -4.42 -1.89 7.89
N ASP C 94 -3.97 -1.86 9.13
CA ASP C 94 -3.30 -2.97 9.78
C ASP C 94 -4.29 -4.14 9.82
N ARG C 95 -3.96 -5.25 9.18
CA ARG C 95 -4.82 -6.43 9.14
C ARG C 95 -5.25 -6.88 10.53
N VAL C 96 -4.37 -6.75 11.52
CA VAL C 96 -4.73 -7.20 12.83
C VAL C 96 -6.00 -6.51 13.38
N GLU C 97 -6.03 -5.18 13.33
CA GLU C 97 -7.19 -4.46 13.84
C GLU C 97 -8.39 -4.66 12.91
N LEU C 98 -8.16 -4.76 11.61
CA LEU C 98 -9.29 -5.04 10.71
C LEU C 98 -9.99 -6.33 11.13
N ALA C 99 -9.21 -7.37 11.34
CA ALA C 99 -9.75 -8.68 11.69
C ALA C 99 -10.42 -8.65 13.06
N CYS C 100 -9.76 -8.08 14.06
CA CYS C 100 -10.33 -8.03 15.39
C CYS C 100 -11.52 -7.12 15.52
N VAL C 101 -11.51 -5.98 14.83
CA VAL C 101 -12.68 -5.11 14.90
C VAL C 101 -13.80 -5.76 14.09
N CYS C 102 -13.44 -6.41 12.99
CA CYS C 102 -14.44 -7.10 12.17
C CYS C 102 -15.21 -8.07 13.09
N LEU C 103 -14.48 -8.93 13.79
CA LEU C 103 -15.13 -9.91 14.67
C LEU C 103 -15.98 -9.25 15.80
N ARG C 104 -15.42 -8.24 16.49
CA ARG C 104 -16.09 -7.58 17.59
C ARG C 104 -17.43 -7.00 17.13
N LEU C 105 -17.41 -6.30 16.01
CA LEU C 105 -18.64 -5.71 15.49
C LEU C 105 -19.69 -6.75 15.16
N HIS C 106 -19.25 -7.87 14.59
CA HIS C 106 -20.15 -8.94 14.20
C HIS C 106 -20.73 -9.57 15.44
N LEU C 107 -19.91 -9.84 16.44
CA LEU C 107 -20.46 -10.46 17.63
C LEU C 107 -21.49 -9.52 18.30
N ARG C 108 -21.22 -8.20 18.33
CA ARG C 108 -22.17 -7.27 18.93
C ARG C 108 -23.46 -7.28 18.10
N ALA C 109 -23.31 -7.35 16.80
CA ALA C 109 -24.47 -7.39 15.93
C ALA C 109 -25.38 -8.58 16.28
N LEU C 110 -24.77 -9.78 16.44
CA LEU C 110 -25.54 -11.00 16.74
C LEU C 110 -26.34 -10.80 18.00
N HIS C 111 -25.67 -10.25 19.01
CA HIS C 111 -26.31 -10.01 20.27
C HIS C 111 -27.47 -9.00 20.15
N GLU C 112 -27.23 -7.87 19.52
CA GLU C 112 -28.31 -6.89 19.40
C GLU C 112 -29.47 -7.43 18.58
N LEU C 113 -29.18 -8.10 17.47
CA LEU C 113 -30.24 -8.63 16.64
C LEU C 113 -31.07 -9.67 17.38
N GLU C 114 -30.40 -10.57 18.09
CA GLU C 114 -31.11 -11.64 18.79
C GLU C 114 -31.90 -11.09 19.95
N SER C 115 -31.45 -9.97 20.52
CA SER C 115 -32.20 -9.41 21.61
C SER C 115 -33.50 -8.77 21.09
N LEU C 116 -33.57 -8.51 19.79
CA LEU C 116 -34.75 -7.88 19.19
C LEU C 116 -35.66 -8.82 18.43
N ALA C 117 -35.12 -9.96 18.03
CA ALA C 117 -35.92 -10.91 17.27
C ALA C 117 -37.02 -11.53 18.13
N ARG C 118 -38.18 -11.72 17.52
CA ARG C 118 -39.27 -12.36 18.23
C ARG C 118 -38.69 -13.71 18.61
N ASP C 119 -37.97 -14.34 17.65
CA ASP C 119 -37.37 -15.64 17.89
C ASP C 119 -35.86 -15.52 17.70
N PRO C 120 -35.07 -15.56 18.81
CA PRO C 120 -33.62 -15.44 18.56
C PRO C 120 -33.08 -16.36 17.48
N LYS C 121 -33.55 -17.61 17.47
CA LYS C 121 -33.14 -18.60 16.50
C LYS C 121 -33.22 -18.11 15.06
N ALA C 122 -34.24 -17.32 14.75
CA ALA C 122 -34.42 -16.81 13.40
C ALA C 122 -33.16 -16.13 12.84
N VAL C 123 -32.41 -15.49 13.72
CA VAL C 123 -31.20 -14.82 13.26
C VAL C 123 -30.17 -15.79 12.68
N THR C 124 -29.87 -16.86 13.40
CA THR C 124 -28.90 -17.81 12.91
C THR C 124 -29.50 -18.63 11.78
N ASP C 125 -30.83 -18.80 11.79
CA ASP C 125 -31.48 -19.52 10.67
C ASP C 125 -31.23 -18.75 9.39
N ILE C 126 -31.44 -17.42 9.44
CA ILE C 126 -31.29 -16.62 8.25
C ILE C 126 -29.83 -16.56 7.76
N LEU C 127 -28.90 -16.50 8.71
CA LEU C 127 -27.48 -16.46 8.42
C LEU C 127 -26.92 -17.74 7.80
N GLU C 128 -27.45 -18.89 8.22
CA GLU C 128 -27.00 -20.19 7.72
C GLU C 128 -27.71 -20.69 6.46
N GLN C 129 -29.02 -20.40 6.36
CA GLN C 129 -29.81 -20.89 5.25
C GLN C 129 -29.21 -20.77 3.85
N ASP C 130 -28.53 -19.68 3.56
CA ASP C 130 -27.87 -19.55 2.27
C ASP C 130 -26.44 -19.06 2.44
N ALA C 131 -25.81 -19.49 3.54
CA ALA C 131 -24.41 -19.12 3.79
C ALA C 131 -23.50 -19.70 2.70
N VAL C 132 -23.79 -20.92 2.27
CA VAL C 132 -23.00 -21.55 1.22
C VAL C 132 -23.14 -20.75 -0.05
N HIS C 133 -24.36 -20.35 -0.38
CA HIS C 133 -24.56 -19.60 -1.62
C HIS C 133 -23.85 -18.26 -1.55
N LEU C 134 -23.92 -17.56 -0.41
CA LEU C 134 -23.24 -16.28 -0.28
C LEU C 134 -21.71 -16.46 -0.23
N CYS C 135 -21.24 -17.34 0.66
CA CYS C 135 -19.80 -17.54 0.80
C CYS C 135 -19.15 -18.17 -0.42
N GLY C 136 -19.74 -19.24 -0.95
CA GLY C 136 -19.18 -19.86 -2.15
C GLY C 136 -19.31 -18.86 -3.27
N GLY C 137 -20.41 -18.10 -3.25
CA GLY C 137 -20.64 -17.08 -4.27
C GLY C 137 -19.60 -15.98 -4.30
N GLN C 138 -19.16 -15.47 -3.13
CA GLN C 138 -18.15 -14.41 -3.11
C GLN C 138 -16.87 -14.94 -3.74
N ILE C 139 -16.49 -16.17 -3.40
CA ILE C 139 -15.27 -16.74 -3.96
C ILE C 139 -15.33 -16.75 -5.49
N ARG C 140 -16.39 -17.30 -6.06
CA ARG C 140 -16.56 -17.33 -7.52
C ARG C 140 -16.50 -15.93 -8.08
N THR C 141 -17.29 -15.01 -7.55
CA THR C 141 -17.32 -13.65 -8.10
C THR C 141 -16.02 -12.86 -7.90
N LYS C 142 -15.29 -13.07 -6.81
CA LYS C 142 -14.05 -12.33 -6.65
C LYS C 142 -12.93 -12.96 -7.49
N ARG C 143 -13.18 -14.12 -8.10
CA ARG C 143 -12.15 -14.79 -8.87
C ARG C 143 -12.49 -15.10 -10.32
N SER C 144 -13.45 -14.37 -10.89
CA SER C 144 -13.82 -14.53 -12.28
C SER C 144 -14.43 -13.21 -12.74
N ARG C 145 -14.58 -13.01 -14.04
CA ARG C 145 -15.13 -11.73 -14.47
C ARG C 145 -16.26 -11.88 -15.46
N ALA C 146 -17.15 -10.89 -15.43
CA ALA C 146 -18.31 -10.84 -16.31
C ALA C 146 -17.82 -10.38 -17.69
N THR C 147 -18.30 -11.02 -18.75
CA THR C 147 -17.88 -10.64 -20.10
C THR C 147 -19.08 -10.10 -20.87
N ASN C 148 -20.27 -10.24 -20.30
CA ASN C 148 -21.51 -9.72 -20.88
C ASN C 148 -22.51 -9.37 -19.78
N LEU C 149 -23.69 -8.90 -20.18
CA LEU C 149 -24.71 -8.51 -19.21
C LEU C 149 -25.28 -9.64 -18.38
N ARG C 150 -25.44 -10.81 -18.98
CA ARG C 150 -26.01 -11.96 -18.26
C ARG C 150 -25.11 -12.36 -17.10
N GLU C 151 -23.80 -12.40 -17.35
CA GLU C 151 -22.86 -12.77 -16.32
C GLU C 151 -22.72 -11.65 -15.31
N TRP C 152 -22.75 -10.41 -15.80
CA TRP C 152 -22.61 -9.25 -14.90
C TRP C 152 -23.73 -9.36 -13.87
N ARG C 153 -24.92 -9.64 -14.40
CA ARG C 153 -26.09 -9.77 -13.57
C ARG C 153 -25.96 -10.95 -12.61
N ALA C 154 -25.48 -12.08 -13.13
CA ALA C 154 -25.33 -13.27 -12.30
C ALA C 154 -24.37 -12.98 -11.18
N HIS C 155 -23.29 -12.27 -11.48
CA HIS C 155 -22.33 -11.94 -10.45
C HIS C 155 -22.92 -10.98 -9.42
N ALA C 156 -23.50 -9.85 -9.88
CA ALA C 156 -24.09 -8.86 -8.95
C ALA C 156 -25.18 -9.51 -8.10
N SER C 157 -25.92 -10.43 -8.70
CA SER C 157 -26.99 -11.12 -8.00
C SER C 157 -26.43 -11.98 -6.84
N THR C 158 -25.48 -12.85 -7.17
CA THR C 158 -24.93 -13.73 -6.14
C THR C 158 -24.16 -13.00 -5.03
N TYR C 159 -23.47 -11.91 -5.31
CA TYR C 159 -22.83 -11.26 -4.18
C TYR C 159 -23.80 -10.25 -3.66
N GLY C 160 -23.89 -9.10 -4.32
CA GLY C 160 -24.77 -8.01 -3.93
C GLY C 160 -26.18 -8.29 -3.44
N SER C 161 -27.01 -8.85 -4.30
CA SER C 161 -28.41 -9.11 -3.91
C SER C 161 -28.59 -10.11 -2.78
N THR C 162 -27.78 -11.17 -2.76
CA THR C 162 -27.85 -12.18 -1.71
C THR C 162 -27.41 -11.56 -0.36
N PHE C 163 -26.37 -10.77 -0.42
CA PHE C 163 -25.84 -10.09 0.74
C PHE C 163 -26.92 -9.21 1.39
N LEU C 164 -27.42 -8.23 0.64
CA LEU C 164 -28.41 -7.33 1.20
C LEU C 164 -29.70 -8.03 1.49
N GLY C 165 -30.03 -9.04 0.69
CA GLY C 165 -31.27 -9.78 0.91
C GLY C 165 -31.33 -10.40 2.31
N ARG C 166 -30.20 -10.93 2.77
CA ARG C 166 -30.17 -11.51 4.09
C ARG C 166 -30.45 -10.44 5.13
N TYR C 167 -29.91 -9.24 4.95
CA TYR C 167 -30.19 -8.21 5.93
C TYR C 167 -31.63 -7.75 5.87
N GLY C 168 -32.25 -7.80 4.69
CA GLY C 168 -33.66 -7.45 4.59
C GLY C 168 -34.41 -8.51 5.40
N ALA C 169 -34.06 -9.79 5.20
CA ALA C 169 -34.78 -10.81 5.98
C ALA C 169 -34.57 -10.59 7.50
N LEU C 170 -33.35 -10.20 7.89
CA LEU C 170 -33.11 -9.98 9.30
C LEU C 170 -33.93 -8.79 9.81
N ALA C 171 -34.05 -7.73 8.99
CA ALA C 171 -34.83 -6.55 9.39
C ALA C 171 -36.29 -7.01 9.67
N ALA C 172 -36.85 -7.83 8.77
CA ALA C 172 -38.22 -8.35 8.98
C ALA C 172 -38.30 -9.17 10.27
N ALA C 173 -37.37 -10.12 10.46
CA ALA C 173 -37.42 -10.94 11.67
C ALA C 173 -37.21 -10.20 12.97
N CYS C 174 -36.62 -9.01 12.92
CA CYS C 174 -36.36 -8.28 14.16
C CYS C 174 -37.25 -7.06 14.33
N GLY C 175 -38.08 -6.80 13.33
CA GLY C 175 -38.93 -5.62 13.36
C GLY C 175 -40.33 -5.84 13.90
N GLY C 176 -40.62 -7.07 14.32
CA GLY C 176 -41.95 -7.39 14.85
C GLY C 176 -43.13 -7.15 13.91
N GLU C 177 -44.31 -7.01 14.49
CA GLU C 177 -45.58 -6.76 13.78
C GLU C 177 -45.78 -7.15 12.31
N GLY C 178 -45.89 -8.46 12.09
CA GLY C 178 -46.11 -9.02 10.75
C GLY C 178 -45.69 -8.21 9.52
N GLN C 179 -44.39 -7.96 9.39
CA GLN C 179 -43.85 -7.25 8.24
C GLN C 179 -43.85 -8.30 7.14
N PRO C 180 -43.98 -7.89 5.88
CA PRO C 180 -43.99 -8.89 4.79
C PRO C 180 -42.56 -9.35 4.44
N ALA C 181 -42.05 -10.31 5.22
CA ALA C 181 -40.69 -10.81 5.05
C ALA C 181 -40.20 -10.97 3.64
N ASP C 182 -40.93 -11.73 2.84
CA ASP C 182 -40.52 -11.93 1.45
C ASP C 182 -40.42 -10.64 0.65
N SER C 183 -41.23 -9.66 0.95
CA SER C 183 -41.17 -8.43 0.19
C SER C 183 -40.02 -7.57 0.66
N VAL C 184 -39.77 -7.54 1.97
CA VAL C 184 -38.63 -6.75 2.49
C VAL C 184 -37.36 -7.29 1.83
N ARG C 185 -37.25 -8.60 1.74
CA ARG C 185 -36.08 -9.18 1.12
C ARG C 185 -36.05 -8.84 -0.37
N GLU C 186 -37.18 -9.00 -1.05
CA GLU C 186 -37.30 -8.70 -2.47
C GLU C 186 -36.90 -7.26 -2.70
N PHE C 187 -37.34 -6.37 -1.84
CA PHE C 187 -36.94 -4.97 -2.01
C PHE C 187 -35.41 -4.86 -1.93
N ALA C 188 -34.83 -5.42 -0.86
CA ALA C 188 -33.37 -5.37 -0.68
C ALA C 188 -32.59 -5.92 -1.87
N GLU C 189 -33.01 -7.08 -2.37
CA GLU C 189 -32.29 -7.69 -3.48
C GLU C 189 -32.32 -6.81 -4.73
N ALA C 190 -33.47 -6.21 -5.01
CA ALA C 190 -33.56 -5.35 -6.18
C ALA C 190 -32.75 -4.09 -5.93
N PHE C 191 -32.88 -3.51 -4.76
CA PHE C 191 -32.17 -2.29 -4.47
C PHE C 191 -30.66 -2.48 -4.58
N ALA C 192 -30.15 -3.60 -4.04
CA ALA C 192 -28.70 -3.85 -4.08
C ALA C 192 -28.18 -3.84 -5.47
N MET C 193 -28.93 -4.45 -6.37
CA MET C 193 -28.43 -4.46 -7.73
C MET C 193 -28.43 -3.07 -8.36
N THR C 194 -29.39 -2.22 -8.01
CA THR C 194 -29.41 -0.85 -8.58
C THR C 194 -28.14 -0.16 -8.11
N ILE C 195 -27.83 -0.32 -6.81
CA ILE C 195 -26.62 0.26 -6.20
C ILE C 195 -25.32 -0.24 -6.88
N THR C 196 -25.26 -1.54 -7.12
CA THR C 196 -24.09 -2.12 -7.74
C THR C 196 -23.90 -1.47 -9.11
N MET C 197 -24.98 -1.34 -9.85
CA MET C 197 -24.90 -0.74 -11.17
C MET C 197 -24.35 0.66 -11.05
N ALA C 198 -24.87 1.42 -10.08
CA ALA C 198 -24.42 2.76 -9.84
C ALA C 198 -22.88 2.74 -9.57
N ASP C 199 -22.45 1.82 -8.69
CA ASP C 199 -21.02 1.65 -8.36
C ASP C 199 -20.15 1.45 -9.58
N ASP C 200 -20.53 0.48 -10.40
CA ASP C 200 -19.75 0.24 -11.59
C ASP C 200 -19.62 1.45 -12.49
N LEU C 201 -20.75 2.13 -12.75
CA LEU C 201 -20.73 3.29 -13.62
C LEU C 201 -19.90 4.40 -13.00
N THR C 202 -19.88 4.46 -11.68
CA THR C 202 -19.08 5.49 -11.02
C THR C 202 -17.58 5.17 -11.10
N ASP C 203 -17.22 3.99 -10.59
CA ASP C 203 -15.82 3.59 -10.53
C ASP C 203 -15.07 3.59 -11.85
N TYR C 204 -15.78 3.36 -12.95
CA TYR C 204 -15.11 3.37 -14.24
C TYR C 204 -14.25 4.65 -14.33
N ASP C 205 -14.81 5.78 -13.94
CA ASP C 205 -14.04 7.04 -14.00
C ASP C 205 -13.32 7.36 -12.68
N ARG C 206 -13.97 7.13 -11.55
CA ARG C 206 -13.33 7.41 -10.29
C ARG C 206 -12.02 6.63 -10.03
N ASN C 207 -12.02 5.34 -10.37
CA ASN C 207 -10.90 4.40 -10.15
C ASN C 207 -10.24 3.86 -11.39
N GLY C 208 -10.77 4.19 -12.56
CA GLY C 208 -10.22 3.62 -13.77
C GLY C 208 -10.53 2.13 -13.89
N GLU C 209 -11.64 1.66 -13.32
CA GLU C 209 -11.99 0.24 -13.34
C GLU C 209 -12.34 -0.22 -14.71
N ARG C 210 -11.91 -1.42 -15.06
CA ARG C 210 -12.14 -1.94 -16.39
C ARG C 210 -12.67 -3.37 -16.45
N ASP C 211 -11.80 -4.36 -16.31
CA ASP C 211 -12.18 -5.79 -16.37
C ASP C 211 -13.46 -6.12 -15.62
N GLY C 212 -14.49 -6.51 -16.37
CA GLY C 212 -15.77 -6.85 -15.76
C GLY C 212 -16.66 -5.70 -15.32
N ASN C 213 -16.17 -4.47 -15.37
CA ASN C 213 -16.95 -3.30 -14.97
C ASN C 213 -18.06 -3.02 -16.00
N LEU C 214 -19.27 -2.79 -15.53
CA LEU C 214 -20.39 -2.55 -16.42
C LEU C 214 -20.20 -1.44 -17.49
N ALA C 215 -19.62 -0.29 -17.12
CA ALA C 215 -19.38 0.80 -18.08
C ALA C 215 -18.39 0.34 -19.14
N HIS C 216 -17.38 -0.40 -18.71
CA HIS C 216 -16.38 -0.91 -19.64
C HIS C 216 -17.05 -1.91 -20.60
N LEU C 217 -17.92 -2.78 -20.11
CA LEU C 217 -18.60 -3.72 -20.99
C LEU C 217 -19.49 -2.98 -22.02
N MET C 218 -20.07 -1.85 -21.61
CA MET C 218 -20.89 -1.10 -22.53
C MET C 218 -19.97 -0.52 -23.60
N ARG C 219 -18.96 0.24 -23.15
CA ARG C 219 -18.04 0.86 -24.07
C ARG C 219 -17.37 -0.09 -25.07
N THR C 220 -17.17 -1.33 -24.71
CA THR C 220 -16.56 -2.23 -25.67
C THR C 220 -17.62 -2.83 -26.57
N GLY C 221 -18.89 -2.59 -26.23
CA GLY C 221 -19.97 -3.15 -27.03
C GLY C 221 -20.39 -4.55 -26.66
N ALA C 222 -19.87 -5.06 -25.54
CA ALA C 222 -20.22 -6.40 -25.06
C ALA C 222 -21.59 -6.34 -24.40
N VAL C 223 -21.98 -5.14 -24.00
CA VAL C 223 -23.27 -4.96 -23.37
C VAL C 223 -23.94 -3.85 -24.14
N ALA C 224 -25.23 -4.00 -24.45
CA ALA C 224 -25.95 -2.97 -25.21
C ALA C 224 -26.54 -1.96 -24.24
N GLY C 225 -26.42 -0.68 -24.58
CA GLY C 225 -26.95 0.40 -23.73
C GLY C 225 -28.40 0.24 -23.32
N GLN C 226 -29.27 -0.13 -24.27
CA GLN C 226 -30.68 -0.32 -23.95
C GLN C 226 -30.88 -1.44 -22.94
N ASP C 227 -30.15 -2.56 -23.10
CA ASP C 227 -30.28 -3.67 -22.17
C ASP C 227 -30.06 -3.15 -20.76
N VAL C 228 -29.13 -2.21 -20.63
CA VAL C 228 -28.81 -1.64 -19.35
C VAL C 228 -29.97 -0.78 -18.84
N VAL C 229 -30.51 0.07 -19.70
CA VAL C 229 -31.65 0.88 -19.27
C VAL C 229 -32.81 -0.03 -18.84
N ASP C 230 -33.00 -1.13 -19.59
CA ASP C 230 -34.07 -2.07 -19.27
C ASP C 230 -33.95 -2.71 -17.87
N LEU C 231 -32.74 -3.19 -17.57
CA LEU C 231 -32.44 -3.79 -16.28
C LEU C 231 -32.76 -2.77 -15.21
N LEU C 232 -32.38 -1.53 -15.44
CA LEU C 232 -32.70 -0.51 -14.43
C LEU C 232 -34.17 -0.38 -14.12
N GLU C 233 -35.00 -0.19 -15.14
CA GLU C 233 -36.41 0.00 -14.87
C GLU C 233 -36.99 -1.32 -14.34
N GLU C 234 -36.38 -2.44 -14.72
CA GLU C 234 -36.84 -3.74 -14.20
C GLU C 234 -36.57 -3.80 -12.68
N LEU C 235 -35.39 -3.36 -12.28
CA LEU C 235 -35.03 -3.37 -10.87
C LEU C 235 -35.91 -2.41 -10.13
N ARG C 236 -36.17 -1.26 -10.74
CA ARG C 236 -37.04 -0.24 -10.14
C ARG C 236 -38.43 -0.84 -9.96
N GLY C 237 -38.94 -1.50 -10.98
CA GLY C 237 -40.24 -2.12 -10.84
C GLY C 237 -40.29 -3.15 -9.71
N ARG C 238 -39.28 -4.04 -9.64
CA ARG C 238 -39.24 -5.06 -8.58
C ARG C 238 -39.26 -4.35 -7.24
N ALA C 239 -38.40 -3.36 -7.05
CA ALA C 239 -38.38 -2.63 -5.78
C ALA C 239 -39.75 -2.00 -5.47
N LEU C 240 -40.27 -1.24 -6.43
CA LEU C 240 -41.58 -0.55 -6.23
C LEU C 240 -42.68 -1.54 -5.84
N ALA C 241 -42.75 -2.68 -6.54
CA ALA C 241 -43.75 -3.70 -6.22
C ALA C 241 -43.58 -4.22 -4.79
N ALA C 242 -42.33 -4.49 -4.39
CA ALA C 242 -42.08 -5.02 -3.05
C ALA C 242 -42.53 -4.08 -1.93
N VAL C 243 -42.27 -2.79 -2.09
CA VAL C 243 -42.69 -1.83 -1.07
C VAL C 243 -44.20 -1.52 -1.16
N ALA C 244 -44.88 -2.09 -2.16
CA ALA C 244 -46.34 -1.91 -2.34
C ALA C 244 -47.11 -3.04 -1.66
N ALA C 245 -46.50 -4.22 -1.57
CA ALA C 245 -47.12 -5.37 -0.93
C ALA C 245 -47.57 -4.98 0.49
N PRO C 246 -48.79 -5.38 0.89
CA PRO C 246 -49.38 -5.08 2.20
C PRO C 246 -48.50 -5.57 3.34
N PRO C 247 -48.35 -4.76 4.42
CA PRO C 247 -48.88 -3.43 4.73
C PRO C 247 -48.30 -2.27 3.93
N GLY C 248 -47.31 -2.54 3.09
CA GLY C 248 -46.69 -1.48 2.30
C GLY C 248 -45.68 -0.60 3.05
N ALA C 249 -44.72 -0.05 2.31
CA ALA C 249 -43.67 0.83 2.87
C ALA C 249 -43.57 1.96 1.87
N PRO C 250 -44.61 2.79 1.80
CA PRO C 250 -44.76 3.96 0.92
C PRO C 250 -43.59 4.94 1.04
N GLY C 251 -43.00 5.02 2.23
CA GLY C 251 -41.86 5.90 2.41
C GLY C 251 -40.67 5.55 1.51
N LEU C 252 -40.60 4.29 1.08
CA LEU C 252 -39.51 3.84 0.21
C LEU C 252 -39.66 4.18 -1.27
N VAL C 253 -40.85 4.64 -1.67
CA VAL C 253 -41.07 4.96 -3.11
C VAL C 253 -40.11 6.04 -3.60
N PRO C 254 -40.06 7.19 -2.93
CA PRO C 254 -39.11 8.24 -3.39
C PRO C 254 -37.62 7.82 -3.26
N VAL C 255 -37.34 6.95 -2.29
CA VAL C 255 -35.96 6.47 -2.14
C VAL C 255 -35.61 5.64 -3.36
N VAL C 256 -36.52 4.77 -3.77
CA VAL C 256 -36.25 3.96 -4.94
C VAL C 256 -36.09 4.85 -6.17
N HIS C 257 -36.98 5.83 -6.33
CA HIS C 257 -36.86 6.74 -7.49
C HIS C 257 -35.61 7.55 -7.40
N LEU C 258 -35.26 7.96 -6.20
CA LEU C 258 -34.04 8.77 -6.08
C LEU C 258 -32.76 8.06 -6.56
N TYR C 259 -32.56 6.81 -6.14
CA TYR C 259 -31.38 6.07 -6.55
C TYR C 259 -31.43 5.70 -8.01
N THR C 260 -32.61 5.27 -8.49
CA THR C 260 -32.71 4.92 -9.90
C THR C 260 -32.50 6.17 -10.77
N ASP C 261 -33.17 7.27 -10.42
CA ASP C 261 -33.04 8.50 -11.19
C ASP C 261 -31.61 8.99 -11.27
N ASP C 262 -30.89 8.81 -10.18
CA ASP C 262 -29.50 9.25 -10.16
C ASP C 262 -28.65 8.44 -11.16
N VAL C 263 -28.91 7.14 -11.28
CA VAL C 263 -28.16 6.37 -12.30
C VAL C 263 -28.63 6.85 -13.68
N LEU C 264 -29.94 7.02 -13.84
CA LEU C 264 -30.46 7.45 -15.14
C LEU C 264 -29.97 8.81 -15.64
N VAL C 265 -29.99 9.80 -14.77
CA VAL C 265 -29.64 11.12 -15.20
C VAL C 265 -28.17 11.49 -15.05
N ARG C 266 -27.49 11.00 -14.02
CA ARG C 266 -26.09 11.36 -13.87
C ARG C 266 -25.04 10.32 -14.27
N LEU C 267 -25.29 9.06 -13.97
CA LEU C 267 -24.30 8.06 -14.30
C LEU C 267 -24.35 7.42 -15.67
N LEU C 268 -25.54 7.00 -16.11
CA LEU C 268 -25.64 6.31 -17.38
C LEU C 268 -25.31 7.09 -18.65
N PRO C 269 -25.75 8.37 -18.76
CA PRO C 269 -25.49 9.17 -19.95
C PRO C 269 -23.99 9.25 -20.30
N ARG C 270 -23.14 9.31 -19.28
CA ARG C 270 -21.69 9.35 -19.50
C ARG C 270 -21.18 8.17 -20.33
N HIS C 271 -21.96 7.10 -20.43
CA HIS C 271 -21.50 5.91 -21.14
C HIS C 271 -22.33 5.42 -22.30
N LEU C 272 -23.44 6.09 -22.60
CA LEU C 272 -24.30 5.67 -23.69
C LEU C 272 -23.87 6.39 -24.97
N ASP D 11 -9.97 -45.32 25.56
CA ASP D 11 -10.36 -43.92 25.91
C ASP D 11 -9.57 -42.96 25.05
N ASP D 12 -8.39 -43.43 24.64
CA ASP D 12 -7.52 -42.65 23.77
C ASP D 12 -8.15 -42.79 22.40
N ASP D 13 -8.76 -43.95 22.18
CA ASP D 13 -9.44 -44.26 20.95
C ASP D 13 -10.64 -43.38 20.82
N LYS D 14 -11.37 -43.24 21.91
CA LYS D 14 -12.56 -42.42 21.94
C LYS D 14 -12.18 -40.97 21.58
N MET D 15 -11.03 -40.54 22.05
CA MET D 15 -10.59 -39.20 21.78
C MET D 15 -10.24 -39.05 20.30
N LEU D 16 -9.44 -39.98 19.77
CA LEU D 16 -9.04 -39.91 18.36
C LEU D 16 -10.23 -40.10 17.43
N ALA D 17 -11.22 -40.86 17.85
CA ALA D 17 -12.37 -41.00 16.98
C ALA D 17 -13.16 -39.66 16.96
N ALA D 18 -13.14 -38.95 18.07
CA ALA D 18 -13.83 -37.66 18.15
C ALA D 18 -13.03 -36.63 17.35
N GLU D 19 -11.71 -36.70 17.47
CA GLU D 19 -10.89 -35.77 16.71
C GLU D 19 -11.15 -35.98 15.22
N ALA D 20 -11.24 -37.23 14.82
CA ALA D 20 -11.44 -37.57 13.43
C ALA D 20 -12.86 -37.24 13.03
N ALA D 21 -13.81 -37.40 13.95
CA ALA D 21 -15.15 -37.06 13.53
C ALA D 21 -15.27 -35.54 13.31
N ASN D 22 -14.58 -34.75 14.12
CA ASN D 22 -14.65 -33.30 13.98
C ASN D 22 -13.91 -32.85 12.70
N ARG D 23 -12.75 -33.48 12.45
CA ARG D 23 -12.01 -33.19 11.23
C ARG D 23 -12.94 -33.43 10.02
N ASP D 24 -13.66 -34.56 10.04
CA ASP D 24 -14.58 -34.86 8.93
C ASP D 24 -15.64 -33.78 8.81
N HIS D 25 -16.19 -33.34 9.93
CA HIS D 25 -17.24 -32.34 9.86
C HIS D 25 -16.66 -31.04 9.27
N VAL D 26 -15.48 -30.63 9.73
CA VAL D 26 -14.94 -29.40 9.25
C VAL D 26 -14.52 -29.46 7.80
N THR D 27 -13.80 -30.49 7.40
CA THR D 27 -13.36 -30.54 6.01
C THR D 27 -14.51 -30.68 5.04
N ARG D 28 -15.55 -31.43 5.37
CA ARG D 28 -16.70 -31.53 4.44
C ARG D 28 -17.29 -30.13 4.20
N CYS D 29 -17.36 -29.36 5.29
CA CYS D 29 -17.91 -28.04 5.27
C CYS D 29 -17.06 -27.08 4.42
N VAL D 30 -15.73 -27.21 4.53
CA VAL D 30 -14.84 -26.39 3.73
C VAL D 30 -15.04 -26.74 2.25
N ALA D 31 -15.08 -28.05 1.95
CA ALA D 31 -15.20 -28.47 0.55
C ALA D 31 -16.52 -28.01 -0.02
N GLN D 32 -17.57 -28.21 0.74
CA GLN D 32 -18.90 -27.86 0.28
C GLN D 32 -19.07 -26.37 -0.01
N THR D 33 -18.26 -25.50 0.60
CA THR D 33 -18.38 -24.08 0.35
C THR D 33 -17.51 -23.67 -0.81
N GLY D 34 -16.76 -24.63 -1.36
CA GLY D 34 -15.87 -24.32 -2.47
C GLY D 34 -14.40 -24.17 -2.11
N GLY D 35 -14.02 -24.60 -0.91
CA GLY D 35 -12.64 -24.46 -0.49
C GLY D 35 -11.74 -25.35 -1.30
N SER D 36 -10.52 -24.91 -1.54
CA SER D 36 -9.54 -25.67 -2.29
C SER D 36 -8.98 -26.85 -1.50
N PRO D 37 -8.41 -27.83 -2.22
CA PRO D 37 -7.81 -29.02 -1.57
C PRO D 37 -6.74 -28.55 -0.59
N ASP D 38 -6.06 -27.48 -0.95
CA ASP D 38 -5.01 -26.95 -0.10
C ASP D 38 -5.56 -26.40 1.24
N LEU D 39 -6.74 -25.78 1.21
CA LEU D 39 -7.35 -25.23 2.43
C LEU D 39 -7.93 -26.37 3.23
N VAL D 40 -8.43 -27.38 2.52
CA VAL D 40 -8.94 -28.55 3.21
C VAL D 40 -7.72 -29.15 4.00
N ALA D 41 -6.57 -29.25 3.37
CA ALA D 41 -5.41 -29.84 4.05
C ALA D 41 -5.02 -28.98 5.24
N HIS D 42 -5.08 -27.68 5.04
CA HIS D 42 -4.70 -26.75 6.08
C HIS D 42 -5.57 -26.96 7.30
N THR D 43 -6.89 -27.01 7.12
CA THR D 43 -7.78 -27.17 8.27
C THR D 43 -7.67 -28.57 8.90
N ALA D 44 -7.48 -29.59 8.06
CA ALA D 44 -7.36 -30.96 8.52
C ALA D 44 -6.16 -31.11 9.44
N ALA D 45 -5.13 -30.33 9.20
CA ALA D 45 -3.94 -30.37 10.02
C ALA D 45 -4.07 -29.69 11.40
N LEU D 46 -5.22 -29.06 11.70
CA LEU D 46 -5.38 -28.35 12.99
C LEU D 46 -5.76 -29.28 14.15
N ARG D 47 -4.88 -30.26 14.41
CA ARG D 47 -5.14 -31.27 15.45
C ARG D 47 -5.58 -30.78 16.83
N LEU D 48 -4.85 -29.85 17.43
CA LEU D 48 -5.23 -29.40 18.76
C LEU D 48 -6.63 -28.78 18.72
N TYR D 49 -6.87 -27.97 17.69
CA TYR D 49 -8.16 -27.28 17.54
C TYR D 49 -9.30 -28.24 17.34
N LEU D 50 -9.07 -29.34 16.60
CA LEU D 50 -10.12 -30.34 16.37
C LEU D 50 -10.27 -31.30 17.56
N ARG D 51 -9.24 -31.41 18.39
CA ARG D 51 -9.29 -32.31 19.52
C ARG D 51 -9.85 -31.72 20.80
N VAL D 52 -9.50 -30.48 21.09
CA VAL D 52 -9.93 -29.84 22.35
C VAL D 52 -11.44 -29.86 22.60
N PRO D 53 -12.28 -29.78 21.56
CA PRO D 53 -13.70 -29.80 21.90
C PRO D 53 -14.06 -31.13 22.59
N HIS D 54 -13.28 -32.16 22.36
CA HIS D 54 -13.59 -33.44 23.00
C HIS D 54 -13.43 -33.28 24.50
N PHE D 55 -12.39 -32.59 24.91
CA PHE D 55 -12.16 -32.36 26.31
C PHE D 55 -13.25 -31.44 26.88
N LEU D 56 -13.62 -30.37 26.14
CA LEU D 56 -14.62 -29.43 26.63
C LEU D 56 -15.99 -30.06 26.87
N THR D 57 -16.30 -31.10 26.10
CA THR D 57 -17.60 -31.75 26.23
C THR D 57 -17.61 -33.00 27.12
N GLU D 58 -16.55 -33.23 27.89
CA GLU D 58 -16.47 -34.41 28.77
C GLU D 58 -17.61 -34.60 29.80
N TRP D 59 -18.32 -33.52 30.14
CA TRP D 59 -19.43 -33.60 31.09
C TRP D 59 -20.75 -34.01 30.43
N THR D 60 -20.77 -34.09 29.12
CA THR D 60 -21.99 -34.43 28.44
C THR D 60 -22.33 -35.91 28.53
N THR D 61 -23.47 -36.21 29.12
CA THR D 61 -23.92 -37.57 29.34
C THR D 61 -24.37 -38.31 28.10
N ASP D 62 -25.17 -37.65 27.26
CA ASP D 62 -25.66 -38.27 26.04
C ASP D 62 -24.61 -38.22 24.92
N PRO D 63 -24.19 -39.40 24.42
CA PRO D 63 -23.20 -39.54 23.35
C PRO D 63 -23.58 -38.79 22.06
N ASP D 64 -24.86 -38.74 21.71
CA ASP D 64 -25.24 -38.03 20.48
C ASP D 64 -25.17 -36.54 20.62
N ARG D 65 -25.60 -36.02 21.77
CA ARG D 65 -25.52 -34.59 21.98
C ARG D 65 -24.04 -34.27 22.11
N ARG D 66 -23.27 -35.13 22.80
CA ARG D 66 -21.85 -34.85 22.93
C ARG D 66 -21.16 -34.74 21.57
N ALA D 67 -21.36 -35.72 20.69
CA ALA D 67 -20.73 -35.68 19.38
C ALA D 67 -21.14 -34.41 18.60
N ALA D 68 -22.40 -34.06 18.70
CA ALA D 68 -22.91 -32.90 17.99
C ALA D 68 -22.24 -31.57 18.43
N VAL D 69 -22.16 -31.36 19.75
CA VAL D 69 -21.56 -30.14 20.30
C VAL D 69 -20.08 -30.10 19.99
N SER D 70 -19.42 -31.26 20.08
CA SER D 70 -18.00 -31.32 19.83
C SER D 70 -17.69 -30.86 18.42
N ARG D 71 -18.42 -31.37 17.44
CA ARG D 71 -18.12 -30.94 16.07
C ARG D 71 -18.50 -29.46 15.81
N ALA D 72 -19.57 -29.00 16.44
CA ALA D 72 -20.01 -27.60 16.30
C ALA D 72 -18.94 -26.68 16.86
N LEU D 73 -18.41 -27.02 18.02
CA LEU D 73 -17.34 -26.19 18.59
C LEU D 73 -16.13 -26.23 17.67
N ALA D 74 -15.83 -27.39 17.09
CA ALA D 74 -14.67 -27.48 16.19
C ALA D 74 -14.82 -26.56 14.98
N LEU D 75 -16.05 -26.47 14.43
CA LEU D 75 -16.29 -25.55 13.30
C LEU D 75 -15.89 -24.11 13.69
N ASP D 76 -16.41 -23.63 14.82
CA ASP D 76 -16.06 -22.27 15.20
C ASP D 76 -14.63 -22.04 15.66
N ILE D 77 -14.03 -23.01 16.35
CA ILE D 77 -12.63 -22.85 16.79
C ILE D 77 -11.75 -22.77 15.51
N VAL D 78 -11.97 -23.67 14.56
CA VAL D 78 -11.22 -23.62 13.31
C VAL D 78 -11.47 -22.29 12.54
N SER D 79 -12.73 -21.84 12.54
CA SER D 79 -13.09 -20.60 11.89
C SER D 79 -12.22 -19.47 12.42
N MET D 80 -12.09 -19.42 13.74
CA MET D 80 -11.30 -18.38 14.40
C MET D 80 -9.82 -18.51 14.08
N LYS D 81 -9.38 -19.74 13.84
CA LYS D 81 -7.97 -19.94 13.52
C LYS D 81 -7.78 -19.39 12.12
N LEU D 82 -8.74 -19.68 11.25
CA LEU D 82 -8.68 -19.14 9.89
C LEU D 82 -8.66 -17.59 9.95
N LEU D 83 -9.45 -17.00 10.85
CA LEU D 83 -9.46 -15.54 10.96
C LEU D 83 -8.09 -15.06 11.38
N ASP D 84 -7.45 -15.82 12.28
CA ASP D 84 -6.13 -15.46 12.76
C ASP D 84 -5.13 -15.60 11.59
N ASP D 85 -5.31 -16.63 10.76
CA ASP D 85 -4.42 -16.81 9.61
C ASP D 85 -4.54 -15.63 8.67
N LEU D 86 -5.75 -15.07 8.61
CA LEU D 86 -6.04 -13.95 7.72
C LEU D 86 -5.33 -12.70 8.23
N MET D 87 -5.16 -12.55 9.53
CA MET D 87 -4.45 -11.36 9.96
C MET D 87 -2.94 -11.55 9.86
N ASP D 88 -2.44 -12.75 10.09
CA ASP D 88 -0.99 -12.96 9.94
C ASP D 88 -0.64 -12.99 8.44
N ASP D 89 -1.58 -13.42 7.60
CA ASP D 89 -1.36 -13.49 6.16
C ASP D 89 -0.04 -14.17 5.71
N ASP D 90 0.27 -15.30 6.34
CA ASP D 90 1.48 -16.03 6.04
C ASP D 90 1.23 -17.52 5.68
N THR D 91 -0.01 -17.88 5.34
CA THR D 91 -0.29 -19.29 5.03
C THR D 91 -0.11 -19.68 3.56
N GLY D 92 -0.04 -18.71 2.67
CA GLY D 92 0.11 -19.02 1.27
C GLY D 92 -1.25 -19.30 0.62
N LEU D 93 -2.32 -19.24 1.42
CA LEU D 93 -3.64 -19.48 0.87
C LEU D 93 -4.23 -18.20 0.30
N ASP D 94 -5.01 -18.36 -0.76
CA ASP D 94 -5.72 -17.23 -1.36
C ASP D 94 -6.58 -16.58 -0.23
N ARG D 95 -6.42 -15.30 0.05
CA ARG D 95 -7.16 -14.66 1.13
C ARG D 95 -8.67 -14.70 0.95
N VAL D 96 -9.15 -14.72 -0.29
CA VAL D 96 -10.58 -14.76 -0.54
C VAL D 96 -11.21 -16.07 -0.04
N GLU D 97 -10.63 -17.22 -0.36
CA GLU D 97 -11.23 -18.47 0.11
C GLU D 97 -11.03 -18.57 1.62
N LEU D 98 -9.97 -17.96 2.12
CA LEU D 98 -9.74 -18.04 3.54
C LEU D 98 -10.88 -17.29 4.29
N ALA D 99 -11.10 -16.02 3.94
CA ALA D 99 -12.16 -15.22 4.57
C ALA D 99 -13.56 -15.84 4.37
N CYS D 100 -13.85 -16.29 3.15
CA CYS D 100 -15.19 -16.83 2.86
C CYS D 100 -15.47 -18.15 3.55
N VAL D 101 -14.45 -19.00 3.68
CA VAL D 101 -14.67 -20.26 4.39
C VAL D 101 -14.71 -19.96 5.88
N CYS D 102 -13.87 -19.03 6.34
CA CYS D 102 -13.88 -18.63 7.74
C CYS D 102 -15.32 -18.26 8.11
N LEU D 103 -15.95 -17.39 7.33
CA LEU D 103 -17.31 -17.00 7.63
C LEU D 103 -18.28 -18.18 7.56
N ARG D 104 -18.22 -18.95 6.47
CA ARG D 104 -19.14 -20.05 6.31
C ARG D 104 -19.07 -21.02 7.49
N LEU D 105 -17.87 -21.41 7.91
CA LEU D 105 -17.78 -22.31 9.05
C LEU D 105 -18.41 -21.71 10.34
N HIS D 106 -18.16 -20.42 10.57
CA HIS D 106 -18.65 -19.76 11.76
C HIS D 106 -20.18 -19.72 11.75
N LEU D 107 -20.76 -19.41 10.60
CA LEU D 107 -22.22 -19.36 10.57
C LEU D 107 -22.82 -20.74 10.80
N ARG D 108 -22.18 -21.80 10.29
CA ARG D 108 -22.75 -23.10 10.52
C ARG D 108 -22.64 -23.47 12.02
N ALA D 109 -21.54 -23.05 12.66
CA ALA D 109 -21.34 -23.37 14.08
C ALA D 109 -22.40 -22.67 14.95
N LEU D 110 -22.71 -21.42 14.63
CA LEU D 110 -23.72 -20.67 15.38
C LEU D 110 -25.05 -21.40 15.29
N HIS D 111 -25.40 -21.84 14.09
CA HIS D 111 -26.65 -22.54 13.91
C HIS D 111 -26.65 -23.85 14.69
N GLU D 112 -25.59 -24.63 14.53
CA GLU D 112 -25.57 -25.91 15.25
C GLU D 112 -25.60 -25.67 16.76
N LEU D 113 -24.78 -24.77 17.29
CA LEU D 113 -24.80 -24.48 18.71
C LEU D 113 -26.17 -23.99 19.22
N GLU D 114 -26.79 -23.05 18.53
CA GLU D 114 -28.07 -22.58 18.98
C GLU D 114 -29.15 -23.65 18.88
N SER D 115 -28.94 -24.66 18.06
CA SER D 115 -29.90 -25.75 17.96
C SER D 115 -29.83 -26.65 19.19
N LEU D 116 -28.69 -26.60 19.87
CA LEU D 116 -28.46 -27.42 21.04
C LEU D 116 -28.51 -26.65 22.38
N ALA D 117 -28.52 -25.33 22.30
CA ALA D 117 -28.50 -24.49 23.50
C ALA D 117 -29.78 -24.59 24.34
N ARG D 118 -29.65 -24.52 25.66
CA ARG D 118 -30.80 -24.60 26.55
C ARG D 118 -31.63 -23.32 26.35
N ASP D 119 -30.97 -22.17 26.43
CA ASP D 119 -31.61 -20.87 26.24
C ASP D 119 -31.25 -20.36 24.86
N PRO D 120 -32.24 -19.83 24.11
CA PRO D 120 -32.05 -19.30 22.76
C PRO D 120 -31.11 -18.09 22.67
N LYS D 121 -30.71 -17.55 23.79
CA LYS D 121 -29.86 -16.39 23.77
C LYS D 121 -28.51 -16.68 24.40
N ALA D 122 -28.34 -17.88 24.93
CA ALA D 122 -27.10 -18.22 25.60
C ALA D 122 -25.84 -18.10 24.72
N VAL D 123 -25.93 -18.62 23.49
CA VAL D 123 -24.79 -18.57 22.61
C VAL D 123 -24.36 -17.16 22.31
N THR D 124 -25.26 -16.28 21.89
CA THR D 124 -24.85 -14.91 21.61
C THR D 124 -24.48 -14.21 22.88
N ASP D 125 -25.05 -14.61 24.02
CA ASP D 125 -24.65 -13.90 25.27
C ASP D 125 -23.20 -14.16 25.58
N ILE D 126 -22.84 -15.44 25.49
CA ILE D 126 -21.48 -15.88 25.75
C ILE D 126 -20.48 -15.23 24.79
N LEU D 127 -20.81 -15.17 23.50
CA LEU D 127 -19.90 -14.57 22.51
C LEU D 127 -19.74 -13.06 22.63
N GLU D 128 -20.78 -12.34 23.09
CA GLU D 128 -20.69 -10.88 23.25
C GLU D 128 -20.08 -10.44 24.61
N GLN D 129 -20.34 -11.23 25.65
CA GLN D 129 -19.88 -10.98 27.04
C GLN D 129 -18.50 -10.33 27.17
N ASP D 130 -17.51 -11.00 26.62
CA ASP D 130 -16.18 -10.47 26.71
C ASP D 130 -15.52 -10.34 25.35
N ALA D 131 -16.32 -10.05 24.33
CA ALA D 131 -15.86 -9.84 22.98
C ALA D 131 -14.83 -8.70 22.97
N VAL D 132 -15.10 -7.62 23.73
CA VAL D 132 -14.13 -6.53 23.71
C VAL D 132 -12.82 -7.01 24.35
N HIS D 133 -12.91 -7.77 25.42
CA HIS D 133 -11.69 -8.27 26.03
C HIS D 133 -10.94 -9.16 25.03
N LEU D 134 -11.64 -10.12 24.42
CA LEU D 134 -10.97 -10.98 23.46
C LEU D 134 -10.45 -10.24 22.21
N CYS D 135 -11.28 -9.42 21.55
CA CYS D 135 -10.82 -8.75 20.33
C CYS D 135 -9.82 -7.62 20.57
N GLY D 136 -10.15 -6.64 21.42
CA GLY D 136 -9.22 -5.58 21.73
C GLY D 136 -7.94 -6.18 22.33
N GLY D 137 -8.05 -7.24 23.14
CA GLY D 137 -6.87 -7.91 23.71
C GLY D 137 -6.02 -8.54 22.60
N GLN D 138 -6.66 -9.15 21.62
CA GLN D 138 -5.92 -9.78 20.54
C GLN D 138 -5.12 -8.70 19.80
N ILE D 139 -5.68 -7.53 19.58
CA ILE D 139 -4.91 -6.48 18.88
C ILE D 139 -3.66 -6.17 19.72
N ARG D 140 -3.83 -6.05 21.03
CA ARG D 140 -2.69 -5.75 21.88
C ARG D 140 -1.66 -6.88 21.90
N THR D 141 -2.10 -8.12 21.99
CA THR D 141 -1.11 -9.20 22.03
C THR D 141 -0.36 -9.33 20.71
N LYS D 142 -1.03 -9.09 19.58
CA LYS D 142 -0.39 -9.15 18.26
C LYS D 142 0.55 -7.96 18.00
N ARG D 143 0.38 -6.85 18.74
CA ARG D 143 1.21 -5.69 18.45
C ARG D 143 2.18 -5.24 19.55
N SER D 144 2.36 -6.10 20.53
CA SER D 144 3.29 -5.80 21.60
C SER D 144 3.94 -7.09 22.07
N ARG D 145 4.97 -6.99 22.89
CA ARG D 145 5.64 -8.20 23.37
C ARG D 145 5.77 -8.18 24.88
N ALA D 146 5.73 -9.36 25.48
CA ALA D 146 5.87 -9.45 26.93
C ALA D 146 7.37 -9.30 27.26
N THR D 147 7.68 -8.55 28.31
CA THR D 147 9.07 -8.36 28.71
C THR D 147 9.36 -9.07 30.03
N ASN D 148 8.32 -9.60 30.69
CA ASN D 148 8.45 -10.33 31.95
C ASN D 148 7.34 -11.40 32.07
N LEU D 149 7.28 -12.10 33.21
CA LEU D 149 6.28 -13.15 33.39
C LEU D 149 4.87 -12.57 33.57
N ARG D 150 4.77 -11.44 34.25
CA ARG D 150 3.49 -10.81 34.46
C ARG D 150 2.82 -10.45 33.13
N GLU D 151 3.60 -9.87 32.21
CA GLU D 151 3.04 -9.47 30.93
C GLU D 151 2.82 -10.69 30.07
N TRP D 152 3.69 -11.68 30.18
CA TRP D 152 3.51 -12.87 29.39
C TRP D 152 2.16 -13.53 29.74
N ARG D 153 1.91 -13.69 31.04
CA ARG D 153 0.65 -14.29 31.50
C ARG D 153 -0.53 -13.43 31.08
N ALA D 154 -0.39 -12.10 31.19
CA ALA D 154 -1.45 -11.19 30.80
C ALA D 154 -1.84 -11.42 29.35
N HIS D 155 -0.86 -11.49 28.45
CA HIS D 155 -1.19 -11.73 27.04
C HIS D 155 -1.83 -13.08 26.85
N ALA D 156 -1.17 -14.11 27.39
CA ALA D 156 -1.64 -15.48 27.27
C ALA D 156 -3.08 -15.65 27.81
N SER D 157 -3.47 -14.86 28.79
CA SER D 157 -4.82 -15.05 29.30
C SER D 157 -5.89 -14.55 28.32
N THR D 158 -5.49 -13.78 27.29
CA THR D 158 -6.48 -13.34 26.32
C THR D 158 -6.45 -14.26 25.14
N TYR D 159 -5.31 -14.43 24.50
CA TYR D 159 -5.35 -15.31 23.33
C TYR D 159 -5.46 -16.79 23.69
N GLY D 160 -5.19 -17.13 24.94
CA GLY D 160 -5.30 -18.52 25.33
C GLY D 160 -6.53 -18.77 26.17
N SER D 161 -6.50 -18.25 27.39
CA SER D 161 -7.60 -18.47 28.33
C SER D 161 -8.96 -17.95 27.99
N THR D 162 -9.07 -16.67 27.63
CA THR D 162 -10.36 -16.14 27.31
C THR D 162 -10.88 -16.87 26.08
N PHE D 163 -9.99 -17.12 25.13
CA PHE D 163 -10.38 -17.82 23.93
C PHE D 163 -11.04 -19.20 24.22
N LEU D 164 -10.30 -20.11 24.86
CA LEU D 164 -10.89 -21.39 25.13
C LEU D 164 -12.02 -21.32 26.19
N GLY D 165 -11.90 -20.39 27.14
CA GLY D 165 -12.95 -20.25 28.16
C GLY D 165 -14.33 -20.05 27.53
N ARG D 166 -14.40 -19.21 26.49
CA ARG D 166 -15.69 -18.97 25.83
C ARG D 166 -16.25 -20.29 25.27
N TYR D 167 -15.35 -21.12 24.73
CA TYR D 167 -15.79 -22.41 24.17
C TYR D 167 -16.22 -23.37 25.27
N GLY D 168 -15.55 -23.29 26.43
CA GLY D 168 -15.99 -24.11 27.56
C GLY D 168 -17.41 -23.69 27.96
N ALA D 169 -17.67 -22.38 28.03
CA ALA D 169 -19.00 -21.90 28.42
C ALA D 169 -20.04 -22.38 27.41
N LEU D 170 -19.66 -22.33 26.13
CA LEU D 170 -20.54 -22.80 25.07
C LEU D 170 -20.77 -24.29 25.24
N ALA D 171 -19.72 -25.05 25.58
CA ALA D 171 -19.91 -26.50 25.76
C ALA D 171 -20.94 -26.76 26.83
N ALA D 172 -20.84 -26.01 27.93
CA ALA D 172 -21.77 -26.16 29.07
C ALA D 172 -23.20 -25.70 28.70
N ALA D 173 -23.30 -24.62 27.95
CA ALA D 173 -24.61 -24.11 27.56
C ALA D 173 -25.34 -25.05 26.61
N CYS D 174 -24.58 -25.73 25.75
CA CYS D 174 -25.17 -26.63 24.79
C CYS D 174 -25.09 -28.07 25.22
N GLY D 175 -24.55 -28.32 26.40
CA GLY D 175 -24.32 -29.67 26.85
C GLY D 175 -25.41 -30.46 27.54
N GLY D 176 -26.66 -30.04 27.44
CA GLY D 176 -27.72 -30.78 28.11
C GLY D 176 -27.61 -30.67 29.62
N GLU D 177 -28.09 -31.66 30.36
CA GLU D 177 -28.05 -31.53 31.81
C GLU D 177 -26.75 -31.97 32.45
N GLY D 178 -26.51 -31.51 33.68
CA GLY D 178 -25.30 -31.91 34.41
C GLY D 178 -24.02 -31.19 34.02
N GLN D 179 -24.16 -29.95 33.55
CA GLN D 179 -23.02 -29.15 33.13
C GLN D 179 -22.73 -28.06 34.15
N PRO D 180 -21.64 -28.17 34.92
CA PRO D 180 -21.28 -27.16 35.93
C PRO D 180 -20.61 -26.03 35.17
N ALA D 181 -21.43 -25.12 34.63
CA ALA D 181 -20.91 -24.04 33.79
C ALA D 181 -19.66 -23.31 34.21
N ASP D 182 -19.55 -22.85 35.46
CA ASP D 182 -18.35 -22.14 35.84
C ASP D 182 -17.15 -23.08 35.84
N SER D 183 -17.34 -24.35 36.18
CA SER D 183 -16.20 -25.28 36.23
C SER D 183 -15.66 -25.65 34.84
N VAL D 184 -16.55 -25.84 33.88
CA VAL D 184 -16.09 -26.18 32.56
C VAL D 184 -15.23 -25.04 32.03
N ARG D 185 -15.66 -23.80 32.27
CA ARG D 185 -14.91 -22.63 31.81
C ARG D 185 -13.58 -22.52 32.53
N GLU D 186 -13.61 -22.74 33.84
CA GLU D 186 -12.41 -22.67 34.68
C GLU D 186 -11.41 -23.70 34.16
N PHE D 187 -11.88 -24.91 33.89
CA PHE D 187 -11.01 -25.93 33.32
C PHE D 187 -10.46 -25.42 31.98
N ALA D 188 -11.35 -24.99 31.08
CA ALA D 188 -10.88 -24.51 29.79
C ALA D 188 -9.84 -23.42 29.92
N GLU D 189 -10.06 -22.45 30.79
CA GLU D 189 -9.11 -21.35 30.89
C GLU D 189 -7.77 -21.77 31.42
N ALA D 190 -7.76 -22.68 32.39
CA ALA D 190 -6.49 -23.17 32.95
C ALA D 190 -5.77 -24.04 31.89
N PHE D 191 -6.46 -25.02 31.33
CA PHE D 191 -5.91 -25.90 30.32
C PHE D 191 -5.31 -25.08 29.12
N ALA D 192 -6.02 -24.05 28.65
CA ALA D 192 -5.51 -23.27 27.53
C ALA D 192 -4.17 -22.65 27.86
N MET D 193 -4.04 -22.12 29.08
CA MET D 193 -2.76 -21.50 29.40
C MET D 193 -1.62 -22.52 29.47
N THR D 194 -1.91 -23.72 29.95
CA THR D 194 -0.85 -24.71 30.03
C THR D 194 -0.37 -24.96 28.61
N ILE D 195 -1.31 -25.16 27.68
CA ILE D 195 -0.96 -25.40 26.27
C ILE D 195 -0.14 -24.25 25.68
N THR D 196 -0.54 -23.04 26.05
CA THR D 196 0.09 -21.82 25.60
C THR D 196 1.58 -21.81 26.05
N MET D 197 1.84 -22.32 27.25
CA MET D 197 3.21 -22.36 27.72
C MET D 197 3.95 -23.43 26.96
N ALA D 198 3.29 -24.56 26.70
CA ALA D 198 3.90 -25.64 25.93
C ALA D 198 4.27 -25.14 24.54
N ASP D 199 3.38 -24.32 23.95
CA ASP D 199 3.60 -23.77 22.61
C ASP D 199 4.84 -22.91 22.55
N ASP D 200 5.00 -22.01 23.52
CA ASP D 200 6.15 -21.14 23.52
C ASP D 200 7.44 -21.91 23.68
N LEU D 201 7.44 -22.85 24.60
CA LEU D 201 8.63 -23.65 24.83
C LEU D 201 8.97 -24.49 23.59
N THR D 202 7.96 -24.86 22.82
CA THR D 202 8.23 -25.66 21.65
C THR D 202 8.74 -24.82 20.49
N ASP D 203 8.01 -23.75 20.21
CA ASP D 203 8.35 -22.88 19.08
C ASP D 203 9.68 -22.19 19.19
N TYR D 204 10.21 -22.06 20.41
CA TYR D 204 11.53 -21.46 20.59
C TYR D 204 12.57 -22.18 19.71
N ASP D 205 12.47 -23.51 19.65
CA ASP D 205 13.36 -24.35 18.83
C ASP D 205 12.78 -24.67 17.45
N ARG D 206 11.49 -24.99 17.39
CA ARG D 206 10.91 -25.33 16.10
C ARG D 206 10.76 -24.19 15.11
N ASN D 207 10.60 -22.96 15.62
CA ASN D 207 10.43 -21.78 14.77
C ASN D 207 11.47 -20.71 15.00
N GLY D 208 12.30 -20.90 16.02
CA GLY D 208 13.28 -19.89 16.34
C GLY D 208 12.66 -18.60 16.88
N GLU D 209 11.53 -18.70 17.56
CA GLU D 209 10.88 -17.50 18.10
C GLU D 209 11.66 -16.96 19.28
N ARG D 210 11.71 -15.63 19.40
CA ARG D 210 12.44 -15.02 20.50
C ARG D 210 11.64 -13.93 21.24
N ASP D 211 11.47 -12.77 20.62
CA ASP D 211 10.74 -11.64 21.21
C ASP D 211 9.43 -12.08 21.90
N GLY D 212 9.37 -11.90 23.22
CA GLY D 212 8.19 -12.27 23.97
C GLY D 212 8.00 -13.75 24.23
N ASN D 213 8.83 -14.60 23.63
CA ASN D 213 8.70 -16.05 23.81
C ASN D 213 9.17 -16.45 25.23
N LEU D 214 8.32 -17.16 25.96
CA LEU D 214 8.62 -17.58 27.33
C LEU D 214 10.02 -18.20 27.51
N ALA D 215 10.39 -19.14 26.66
CA ALA D 215 11.71 -19.75 26.73
C ALA D 215 12.79 -18.67 26.62
N HIS D 216 12.62 -17.74 25.69
CA HIS D 216 13.61 -16.67 25.54
C HIS D 216 13.66 -15.79 26.79
N LEU D 217 12.50 -15.44 27.34
CA LEU D 217 12.50 -14.60 28.53
C LEU D 217 13.20 -15.34 29.68
N MET D 218 13.22 -16.66 29.60
CA MET D 218 13.88 -17.45 30.65
C MET D 218 15.39 -17.44 30.39
N ARG D 219 15.79 -17.87 29.20
CA ARG D 219 17.20 -17.90 28.86
C ARG D 219 17.83 -16.53 29.00
N THR D 220 17.03 -15.50 28.90
CA THR D 220 17.51 -14.14 28.99
C THR D 220 17.53 -13.72 30.44
N GLY D 221 16.93 -14.52 31.31
CA GLY D 221 16.89 -14.17 32.72
C GLY D 221 15.79 -13.17 33.12
N ALA D 222 14.94 -12.74 32.17
CA ALA D 222 13.88 -11.79 32.51
C ALA D 222 12.77 -12.47 33.29
N VAL D 223 12.69 -13.78 33.16
CA VAL D 223 11.69 -14.56 33.85
C VAL D 223 12.45 -15.67 34.57
N ALA D 224 12.07 -15.93 35.83
CA ALA D 224 12.69 -16.97 36.65
C ALA D 224 12.08 -18.33 36.37
N GLY D 225 12.90 -19.35 36.20
CA GLY D 225 12.39 -20.67 35.91
C GLY D 225 11.47 -21.20 37.00
N GLN D 226 11.77 -20.92 38.25
CA GLN D 226 10.94 -21.42 39.34
C GLN D 226 9.54 -20.86 39.19
N ASP D 227 9.46 -19.57 38.86
CA ASP D 227 8.17 -18.91 38.68
C ASP D 227 7.33 -19.63 37.59
N VAL D 228 7.99 -20.16 36.60
CA VAL D 228 7.27 -20.83 35.53
C VAL D 228 6.79 -22.17 36.07
N VAL D 229 7.66 -22.86 36.79
CA VAL D 229 7.31 -24.14 37.38
C VAL D 229 6.07 -23.92 38.25
N ASP D 230 6.11 -22.86 39.06
CA ASP D 230 4.97 -22.55 39.92
C ASP D 230 3.70 -22.30 39.15
N LEU D 231 3.83 -21.56 38.02
CA LEU D 231 2.68 -21.25 37.18
C LEU D 231 2.06 -22.53 36.67
N LEU D 232 2.90 -23.42 36.13
CA LEU D 232 2.44 -24.72 35.64
C LEU D 232 1.65 -25.51 36.70
N GLU D 233 2.21 -25.55 37.92
CA GLU D 233 1.58 -26.29 39.01
C GLU D 233 0.29 -25.61 39.35
N GLU D 234 0.31 -24.27 39.38
CA GLU D 234 -0.92 -23.56 39.70
C GLU D 234 -2.02 -23.88 38.67
N LEU D 235 -1.65 -23.95 37.38
CA LEU D 235 -2.62 -24.22 36.32
C LEU D 235 -3.08 -25.67 36.39
N ARG D 236 -2.19 -26.58 36.78
CA ARG D 236 -2.55 -28.00 36.94
C ARG D 236 -3.66 -28.04 38.03
N GLY D 237 -3.40 -27.36 39.17
CA GLY D 237 -4.35 -27.32 40.26
C GLY D 237 -5.68 -26.69 39.89
N ARG D 238 -5.67 -25.56 39.18
CA ARG D 238 -6.97 -24.99 38.80
C ARG D 238 -7.74 -25.98 37.94
N ALA D 239 -7.06 -26.59 36.97
CA ALA D 239 -7.76 -27.57 36.12
C ALA D 239 -8.34 -28.76 36.90
N LEU D 240 -7.54 -29.32 37.82
CA LEU D 240 -7.98 -30.47 38.60
C LEU D 240 -9.17 -30.11 39.51
N ALA D 241 -9.08 -28.96 40.17
CA ALA D 241 -10.19 -28.55 41.03
C ALA D 241 -11.46 -28.36 40.18
N ALA D 242 -11.32 -27.77 39.00
CA ALA D 242 -12.50 -27.57 38.16
C ALA D 242 -13.15 -28.91 37.77
N VAL D 243 -12.35 -29.94 37.48
CA VAL D 243 -12.97 -31.19 37.07
C VAL D 243 -13.41 -32.07 38.21
N ALA D 244 -13.07 -31.65 39.43
CA ALA D 244 -13.48 -32.34 40.64
C ALA D 244 -14.86 -31.81 41.06
N ALA D 245 -15.19 -30.57 40.72
CA ALA D 245 -16.50 -30.01 41.12
C ALA D 245 -17.65 -30.90 40.64
N PRO D 246 -18.70 -31.03 41.45
CA PRO D 246 -19.85 -31.86 41.07
C PRO D 246 -20.44 -31.26 39.79
N PRO D 247 -20.92 -32.11 38.87
CA PRO D 247 -20.91 -33.58 39.00
C PRO D 247 -19.58 -34.28 38.66
N GLY D 248 -18.58 -33.50 38.26
CA GLY D 248 -17.27 -34.05 37.99
C GLY D 248 -17.04 -34.63 36.59
N ALA D 249 -15.82 -34.48 36.10
CA ALA D 249 -15.44 -35.03 34.80
C ALA D 249 -14.13 -35.72 35.18
N PRO D 250 -14.22 -36.83 35.90
CA PRO D 250 -13.02 -37.57 36.33
C PRO D 250 -12.13 -37.99 35.13
N GLY D 251 -12.76 -38.20 33.97
CA GLY D 251 -12.02 -38.55 32.76
C GLY D 251 -10.94 -37.52 32.37
N LEU D 252 -11.13 -36.25 32.75
CA LEU D 252 -10.11 -35.25 32.42
C LEU D 252 -8.89 -35.24 33.35
N VAL D 253 -8.97 -35.90 34.49
CA VAL D 253 -7.84 -35.88 35.40
C VAL D 253 -6.51 -36.30 34.72
N PRO D 254 -6.48 -37.46 34.05
CA PRO D 254 -5.21 -37.84 33.39
C PRO D 254 -4.79 -36.89 32.24
N VAL D 255 -5.78 -36.40 31.48
CA VAL D 255 -5.48 -35.46 30.41
C VAL D 255 -4.74 -34.25 31.02
N VAL D 256 -5.25 -33.76 32.14
CA VAL D 256 -4.63 -32.63 32.79
C VAL D 256 -3.20 -32.96 33.23
N HIS D 257 -3.01 -34.14 33.80
CA HIS D 257 -1.65 -34.47 34.23
C HIS D 257 -0.72 -34.71 33.07
N LEU D 258 -1.25 -35.34 32.02
CA LEU D 258 -0.45 -35.58 30.81
C LEU D 258 0.15 -34.27 30.27
N TYR D 259 -0.71 -33.30 29.98
CA TYR D 259 -0.29 -32.03 29.44
C TYR D 259 0.64 -31.24 30.35
N THR D 260 0.37 -31.22 31.64
CA THR D 260 1.26 -30.48 32.52
C THR D 260 2.60 -31.18 32.69
N ASP D 261 2.58 -32.51 32.90
CA ASP D 261 3.83 -33.25 33.11
C ASP D 261 4.71 -33.22 31.86
N ASP D 262 4.07 -33.19 30.70
CA ASP D 262 4.81 -33.11 29.45
C ASP D 262 5.65 -31.82 29.46
N VAL D 263 5.02 -30.68 29.77
CA VAL D 263 5.74 -29.41 29.82
C VAL D 263 6.87 -29.49 30.84
N LEU D 264 6.53 -30.01 32.02
CA LEU D 264 7.50 -30.11 33.10
C LEU D 264 8.71 -31.00 32.86
N VAL D 265 8.51 -32.17 32.26
CA VAL D 265 9.65 -33.06 32.05
C VAL D 265 10.31 -32.97 30.67
N ARG D 266 9.51 -32.89 29.62
CA ARG D 266 10.07 -32.82 28.28
C ARG D 266 10.46 -31.41 27.80
N LEU D 267 9.56 -30.44 27.89
CA LEU D 267 9.86 -29.10 27.39
C LEU D 267 10.65 -28.15 28.27
N LEU D 268 10.35 -28.09 29.57
CA LEU D 268 11.04 -27.13 30.43
C LEU D 268 12.52 -27.34 30.73
N PRO D 269 12.98 -28.58 30.87
CA PRO D 269 14.40 -28.73 31.17
C PRO D 269 15.36 -28.18 30.11
N ARG D 270 14.95 -28.19 28.85
CA ARG D 270 15.82 -27.67 27.80
C ARG D 270 16.12 -26.19 27.98
N HIS D 271 15.23 -25.46 28.63
CA HIS D 271 15.42 -24.02 28.83
C HIS D 271 15.66 -23.77 30.28
N LEU D 272 15.79 -24.87 30.99
CA LEU D 272 16.06 -24.86 32.41
C LEU D 272 17.39 -25.61 32.47
N GLY D 273 18.39 -25.02 31.80
CA GLY D 273 19.72 -25.59 31.74
C GLY D 273 20.58 -24.51 31.11
N GLU D 274 19.94 -23.37 30.88
CA GLU D 274 20.56 -22.18 30.28
C GLU D 274 19.86 -21.01 30.97
N ALA D 275 19.10 -21.35 32.02
CA ALA D 275 18.33 -20.37 32.78
C ALA D 275 19.19 -19.25 33.38
N GLY D 276 19.22 -19.17 34.71
CA GLY D 276 20.00 -18.13 35.37
C GLY D 276 19.32 -16.78 35.26
N ALA D 277 19.19 -16.09 36.39
CA ALA D 277 18.55 -14.77 36.41
C ALA D 277 19.52 -13.67 35.94
N GLY D 278 19.14 -12.41 36.18
CA GLY D 278 19.98 -11.28 35.77
C GLY D 278 20.49 -10.37 36.90
N ALA D 279 19.77 -10.36 38.02
CA ALA D 279 20.14 -9.57 39.20
C ALA D 279 19.86 -10.43 40.43
N MET D 280 19.17 -11.54 40.20
CA MET D 280 18.80 -12.50 41.22
C MET D 280 19.75 -13.68 41.15
N ALA D 281 20.65 -13.80 42.13
CA ALA D 281 21.62 -14.89 42.15
C ALA D 281 22.64 -14.72 43.27
N THR D 282 22.63 -15.64 44.23
CA THR D 282 23.57 -15.59 45.35
C THR D 282 23.92 -16.96 45.93
N VAL D 283 25.20 -17.10 46.31
CA VAL D 283 25.72 -18.33 46.92
C VAL D 283 26.39 -17.86 48.20
N LYS D 284 26.10 -18.53 49.30
CA LYS D 284 26.70 -18.13 50.58
C LYS D 284 27.66 -19.18 51.11
N PHE D 285 28.69 -18.73 51.81
CA PHE D 285 29.73 -19.61 52.35
C PHE D 285 30.67 -18.78 53.24
N LYS D 286 31.54 -19.45 53.99
CA LYS D 286 32.50 -18.79 54.88
C LYS D 286 33.92 -18.92 54.32
N TYR D 287 34.44 -17.82 53.79
CA TYR D 287 35.77 -17.80 53.18
C TYR D 287 36.81 -17.06 54.04
N LYS D 288 37.93 -17.72 54.31
CA LYS D 288 39.02 -17.16 55.12
C LYS D 288 38.57 -16.50 56.43
N GLY D 289 37.27 -16.61 56.76
CA GLY D 289 36.79 -16.01 57.98
C GLY D 289 35.29 -15.68 57.95
N GLU D 290 34.98 -14.40 57.83
CA GLU D 290 33.60 -13.92 57.80
C GLU D 290 32.78 -14.52 56.65
N GLU D 291 31.53 -14.86 56.93
CA GLU D 291 30.64 -15.44 55.93
C GLU D 291 30.48 -14.49 54.74
N LYS D 292 30.20 -15.05 53.57
CA LYS D 292 30.05 -14.24 52.36
C LYS D 292 28.87 -14.65 51.48
N GLU D 293 28.79 -13.98 50.34
CA GLU D 293 27.75 -14.20 49.33
C GLU D 293 28.18 -13.50 48.04
N VAL D 294 27.88 -14.11 46.89
CA VAL D 294 28.27 -13.51 45.61
C VAL D 294 27.24 -13.70 44.51
N ASP D 295 27.18 -12.72 43.61
CA ASP D 295 26.27 -12.74 42.48
C ASP D 295 26.70 -13.83 41.49
N ILE D 296 25.76 -14.71 41.13
CA ILE D 296 26.06 -15.81 40.22
C ILE D 296 26.76 -15.41 38.91
N SER D 297 26.69 -14.13 38.53
CA SER D 297 27.36 -13.69 37.31
C SER D 297 28.81 -13.30 37.58
N LYS D 298 29.17 -13.20 38.87
CA LYS D 298 30.53 -12.87 39.28
C LYS D 298 31.31 -14.18 39.28
N ILE D 299 30.60 -15.29 39.51
CA ILE D 299 31.19 -16.62 39.53
C ILE D 299 31.78 -16.94 38.15
N LYS D 300 33.09 -17.18 38.11
CA LYS D 300 33.78 -17.49 36.86
C LYS D 300 33.93 -19.01 36.69
N LYS D 301 34.98 -19.55 37.29
CA LYS D 301 35.29 -20.97 37.21
C LYS D 301 34.52 -21.79 38.27
N VAL D 302 33.94 -22.92 37.85
CA VAL D 302 33.18 -23.79 38.74
C VAL D 302 33.46 -25.27 38.47
N TRP D 303 33.76 -26.02 39.53
CA TRP D 303 34.05 -27.45 39.39
C TRP D 303 33.76 -28.27 40.65
N ARG D 304 33.64 -29.57 40.45
CA ARG D 304 33.31 -30.50 41.52
C ARG D 304 34.43 -31.47 41.94
N VAL D 305 34.49 -31.68 43.26
CA VAL D 305 35.41 -32.62 43.91
C VAL D 305 34.58 -33.39 44.95
N GLY D 306 34.26 -34.64 44.63
CA GLY D 306 33.45 -35.47 45.52
C GLY D 306 32.07 -34.86 45.59
N LYS D 307 31.61 -34.52 46.80
CA LYS D 307 30.31 -33.90 46.97
C LYS D 307 30.48 -32.39 47.22
N MET D 308 31.66 -31.87 46.93
CA MET D 308 31.90 -30.44 47.12
C MET D 308 31.92 -29.68 45.78
N ILE D 309 31.54 -28.41 45.82
CA ILE D 309 31.48 -27.55 44.64
C ILE D 309 32.44 -26.38 44.89
N SER D 310 33.61 -26.44 44.25
CA SER D 310 34.63 -25.42 44.41
C SER D 310 34.45 -24.38 43.29
N PHE D 311 34.77 -23.12 43.54
CA PHE D 311 34.58 -22.11 42.50
C PHE D 311 35.42 -20.85 42.68
N THR D 312 35.31 -19.94 41.72
CA THR D 312 36.00 -18.65 41.72
C THR D 312 34.99 -17.58 41.31
N TYR D 313 35.34 -16.32 41.49
CA TYR D 313 34.45 -15.22 41.12
C TYR D 313 35.17 -13.88 41.07
N ASP D 314 34.53 -12.89 40.45
CA ASP D 314 35.11 -11.56 40.33
C ASP D 314 35.01 -10.73 41.60
N GLU D 315 36.09 -9.98 41.87
CA GLU D 315 36.17 -9.13 43.05
C GLU D 315 37.22 -8.02 42.82
N GLY D 316 36.86 -6.78 43.18
CA GLY D 316 37.79 -5.68 43.01
C GLY D 316 38.39 -5.60 41.62
N GLY D 317 37.75 -6.25 40.66
CA GLY D 317 38.25 -6.23 39.29
C GLY D 317 39.28 -7.28 38.92
N GLY D 318 40.56 -6.90 38.97
CA GLY D 318 41.63 -7.82 38.64
C GLY D 318 41.88 -8.93 39.65
N LYS D 319 41.18 -8.88 40.79
CA LYS D 319 41.33 -9.88 41.85
C LYS D 319 40.34 -11.05 41.76
N THR D 320 40.86 -12.27 41.87
CA THR D 320 40.02 -13.47 41.79
C THR D 320 39.63 -14.03 43.17
N GLY D 321 38.32 -14.13 43.41
CA GLY D 321 37.82 -14.66 44.68
C GLY D 321 37.65 -16.16 44.60
N ARG D 322 37.66 -16.82 45.76
CA ARG D 322 37.53 -18.28 45.80
C ARG D 322 36.53 -18.76 46.86
N GLY D 323 36.01 -19.97 46.66
CA GLY D 323 35.05 -20.53 47.60
C GLY D 323 34.67 -21.96 47.29
N ALA D 324 34.02 -22.63 48.24
CA ALA D 324 33.60 -24.01 48.07
C ALA D 324 32.46 -24.32 49.03
N VAL D 325 31.35 -24.85 48.50
CA VAL D 325 30.22 -25.19 49.33
C VAL D 325 29.74 -26.59 48.98
N SER D 326 29.04 -27.23 49.91
CA SER D 326 28.52 -28.56 49.64
C SER D 326 27.46 -28.41 48.56
N GLU D 327 27.35 -29.39 47.67
CA GLU D 327 26.35 -29.33 46.64
C GLU D 327 25.02 -29.16 47.37
N LYS D 328 24.95 -29.72 48.58
CA LYS D 328 23.78 -29.68 49.46
C LYS D 328 23.37 -28.25 49.80
N ASP D 329 24.36 -27.39 50.00
CA ASP D 329 24.12 -25.98 50.36
C ASP D 329 24.37 -25.04 49.18
N ALA D 330 24.25 -25.60 47.98
CA ALA D 330 24.48 -24.85 46.74
C ALA D 330 23.17 -24.63 45.97
N PRO D 331 23.01 -23.45 45.35
CA PRO D 331 21.79 -23.15 44.58
C PRO D 331 21.88 -23.72 43.16
N LYS D 332 20.73 -24.10 42.58
CA LYS D 332 20.68 -24.65 41.23
C LYS D 332 21.45 -23.80 40.19
N GLU D 333 21.53 -22.50 40.44
CA GLU D 333 22.22 -21.57 39.55
C GLU D 333 23.70 -21.95 39.43
N LEU D 334 24.35 -22.07 40.59
CA LEU D 334 25.75 -22.43 40.64
C LEU D 334 25.93 -23.88 40.20
N LEU D 335 24.97 -24.73 40.58
CA LEU D 335 25.01 -26.14 40.23
C LEU D 335 24.73 -26.43 38.75
N GLN D 336 24.26 -25.41 38.03
CA GLN D 336 23.96 -25.54 36.61
C GLN D 336 25.23 -25.31 35.77
N MET D 337 25.97 -24.25 36.12
CA MET D 337 27.20 -23.93 35.42
C MET D 337 28.16 -25.10 35.43
N LEU D 338 28.22 -25.78 36.57
CA LEU D 338 29.10 -26.94 36.75
C LEU D 338 29.12 -27.90 35.56
N GLU D 339 27.94 -28.38 35.15
CA GLU D 339 27.86 -29.32 34.02
C GLU D 339 27.77 -28.57 32.70
N LYS D 340 28.06 -27.27 32.75
CA LYS D 340 28.04 -26.41 31.58
C LYS D 340 29.49 -25.94 31.38
N GLN D 341 30.42 -26.68 32.00
CA GLN D 341 31.86 -26.41 31.95
C GLN D 341 32.68 -27.70 31.90
N LYS D 342 33.20 -28.12 33.06
CA LYS D 342 34.00 -29.35 33.16
C LYS D 342 33.22 -30.64 32.86
N LYS D 343 31.91 -30.52 32.72
CA LYS D 343 31.04 -31.68 32.42
C LYS D 343 30.21 -31.41 31.17
#